data_9I03
#
_entry.id   9I03
#
_cell.length_a   153.600
_cell.length_b   153.600
_cell.length_c   127.110
_cell.angle_alpha   90.000
_cell.angle_beta   90.000
_cell.angle_gamma   90.000
#
_symmetry.space_group_name_H-M   'I 4 2 2'
#
loop_
_entity.id
_entity.type
_entity.pdbx_description
1 polymer Cholinesterase
2 branched 2-acetamido-2-deoxy-beta-D-glucopyranose-(1-4)-[alpha-L-fucopyranose-(1-6)]2-acetamido-2-deoxy-beta-D-glucopyranose
3 branched alpha-L-fucopyranose-(1-6)-2-acetamido-2-deoxy-beta-D-glucopyranose
4 branched alpha-D-mannopyranose-(1-3)-beta-D-mannopyranose-(1-4)-2-acetamido-2-deoxy-beta-D-glucopyranose-(1-4)-[alpha-L-fucopyranose-(1-6)]2-acetamido-2-deoxy-beta-D-glucopyranose
5 non-polymer 2-acetamido-2-deoxy-beta-D-glucopyranose
6 non-polymer GLYCEROL
7 non-polymer '2-(N-MORPHOLINO)-ETHANESULFONIC ACID'
8 non-polymer 'N-acetyl-alpha-neuraminic acid'
9 non-polymer ~{N}-methyl-~{N}-[[(3~{R})-1-(phenylmethyl)pyrrolidin-3-yl]methyl]naphthalene-2-sulfonamide
10 non-polymer 'PROPANOIC ACID'
11 non-polymer 'SULFATE ION'
12 non-polymer 'CHLORIDE ION'
13 water water
#
_entity_poly.entity_id   1
_entity_poly.type   'polypeptide(L)'
_entity_poly.pdbx_seq_one_letter_code
;EDDIIIATKNGKVRGMQLTVFGGTVTAFLGIPYAQPPLGRLRFKKPQSLTKWSDIWNATKYANSCCQNIDQSFPGFHGSE
MWNPNTDLSEDCLYLNVWIPAPKPKNATVLIWIYGGGFQTGTSSLHVYDGKFLARVERVIVVSMNYRVGALGFLALPGNP
EAPGNMGLFDQQLALQWVQKNIAAFGGNPKSVTLFGESAGAASVSLHLLSPGSHSLFTRAILQSGSFNAPWAVTSLYEAR
NRTLNLAKLTGCSRENETEIIKCLRNKDPQEILLNEAFVVPYGTPLSVNFGPTVDGDFLTDMPDILLELGQFKKTQILVG
VNKDEGTAFLVYGAPGFSKDNNSIITRKEFQEGLKIFFPGVSEFGKESILFHYTDWVDDQRPENYREALGDVVGDYNFIC
PALEFTKKFSEWGNNAFFYYFEHRSSKLPWPEWMGVMHGYEIEFVFGLPLERRDQYTKAEEILSRSIVKRWANFAKYGNP
QETQNQSTSWPVFKSTEQKYLTLNTESTRIMTKLRAQQCRFWTSFFPKV
;
_entity_poly.pdbx_strand_id   A
#
loop_
_chem_comp.id
_chem_comp.type
_chem_comp.name
_chem_comp.formula
A1IYQ non-polymer ~{N}-methyl-~{N}-[[(3~{R})-1-(phenylmethyl)pyrrolidin-3-yl]methyl]naphthalene-2-sulfonamide 'C23 H26 N2 O2 S'
BMA D-saccharide, beta linking beta-D-mannopyranose 'C6 H12 O6'
CL non-polymer 'CHLORIDE ION' 'Cl -1'
FUC L-saccharide, alpha linking alpha-L-fucopyranose 'C6 H12 O5'
GOL non-polymer GLYCEROL 'C3 H8 O3'
MAN D-saccharide, alpha linking alpha-D-mannopyranose 'C6 H12 O6'
MES non-polymer '2-(N-MORPHOLINO)-ETHANESULFONIC ACID' 'C6 H13 N O4 S'
NAG D-saccharide, beta linking 2-acetamido-2-deoxy-beta-D-glucopyranose 'C8 H15 N O6'
PPI non-polymer 'PROPANOIC ACID' 'C3 H6 O2'
SIA D-saccharide, alpha linking 'N-acetyl-alpha-neuraminic acid' 'C11 H19 N O9'
SO4 non-polymer 'SULFATE ION' 'O4 S -2'
#
# COMPACT_ATOMS: atom_id res chain seq x y z
N ILE A 4 15.99 -25.37 14.58
CA ILE A 4 15.19 -24.92 13.44
C ILE A 4 15.94 -23.85 12.59
N ILE A 5 16.98 -24.30 11.89
CA ILE A 5 17.87 -23.44 11.12
C ILE A 5 17.67 -23.72 9.63
N ILE A 6 17.48 -22.67 8.84
CA ILE A 6 17.45 -22.77 7.40
C ILE A 6 18.75 -22.19 6.86
N ALA A 7 19.36 -22.87 5.90
CA ALA A 7 20.54 -22.36 5.25
C ALA A 7 20.09 -21.56 4.02
N THR A 8 20.34 -20.25 4.02
CA THR A 8 20.06 -19.43 2.84
C THR A 8 21.32 -19.29 2.01
N LYS A 9 21.19 -18.60 0.87
CA LYS A 9 22.31 -18.41 -0.03
C LYS A 9 23.40 -17.52 0.57
N ASN A 10 23.06 -16.66 1.53
CA ASN A 10 24.07 -15.84 2.18
C ASN A 10 24.48 -16.35 3.55
N GLY A 11 23.83 -17.36 4.06
CA GLY A 11 24.21 -17.90 5.35
C GLY A 11 23.02 -18.48 6.07
N LYS A 12 23.32 -19.07 7.23
CA LYS A 12 22.30 -19.75 8.01
C LYS A 12 21.50 -18.75 8.82
N VAL A 13 20.19 -18.94 8.86
CA VAL A 13 19.30 -18.12 9.67
C VAL A 13 18.51 -19.01 10.62
N ARG A 14 18.39 -18.55 11.88
CA ARG A 14 17.61 -19.24 12.90
C ARG A 14 16.27 -18.54 13.08
N GLY A 15 15.21 -19.34 13.16
CA GLY A 15 13.89 -18.83 13.40
C GLY A 15 13.41 -19.14 14.82
N MET A 16 12.12 -18.96 15.00
CA MET A 16 11.49 -19.16 16.30
C MET A 16 10.13 -19.80 16.06
N GLN A 17 9.56 -20.36 17.13
CA GLN A 17 8.39 -21.22 17.03
C GLN A 17 7.18 -20.50 17.61
N LEU A 18 6.12 -20.38 16.83
CA LEU A 18 4.90 -19.70 17.25
C LEU A 18 3.77 -20.71 17.47
N THR A 19 3.07 -20.61 18.60
CA THR A 19 1.87 -21.39 18.84
C THR A 19 0.68 -20.61 18.29
N VAL A 20 0.07 -21.12 17.22
CA VAL A 20 -1.06 -20.45 16.58
C VAL A 20 -2.19 -21.46 16.48
N PHE A 21 -3.34 -21.13 17.06
CA PHE A 21 -4.55 -21.95 16.94
C PHE A 21 -4.22 -23.43 17.14
N GLY A 22 -3.78 -23.77 18.34
CA GLY A 22 -3.47 -25.15 18.64
C GLY A 22 -2.52 -25.81 17.66
N GLY A 23 -1.69 -24.98 17.00
CA GLY A 23 -0.74 -25.46 16.02
C GLY A 23 0.53 -24.63 16.08
N THR A 24 1.39 -24.73 15.07
CA THR A 24 2.68 -24.06 15.11
C THR A 24 2.96 -23.39 13.77
N VAL A 25 3.51 -22.17 13.83
CA VAL A 25 4.08 -21.46 12.70
C VAL A 25 5.53 -21.16 13.03
N THR A 26 6.42 -21.30 12.05
CA THR A 26 7.81 -20.89 12.22
C THR A 26 8.01 -19.49 11.64
N ALA A 27 8.32 -18.54 12.51
CA ALA A 27 8.54 -17.16 12.11
C ALA A 27 10.04 -16.90 12.05
N PHE A 28 10.49 -16.39 10.92
CA PHE A 28 11.83 -15.86 10.76
C PHE A 28 11.65 -14.35 10.63
N LEU A 29 11.89 -13.62 11.72
CA LEU A 29 11.66 -12.19 11.76
C LEU A 29 12.98 -11.44 11.56
N GLY A 30 13.00 -10.52 10.62
CA GLY A 30 14.17 -9.66 10.45
C GLY A 30 15.36 -10.33 9.78
N ILE A 31 15.17 -10.84 8.57
CA ILE A 31 16.27 -11.39 7.77
C ILE A 31 16.79 -10.27 6.86
N PRO A 32 18.08 -9.94 6.91
CA PRO A 32 18.59 -8.87 6.05
C PRO A 32 18.61 -9.35 4.61
N TYR A 33 18.33 -8.42 3.69
CA TYR A 33 18.28 -8.77 2.28
C TYR A 33 19.08 -7.82 1.40
N ALA A 34 19.83 -6.90 2.01
CA ALA A 34 20.65 -5.93 1.29
C ALA A 34 21.67 -5.37 2.26
N GLN A 35 22.79 -4.86 1.75
CA GLN A 35 23.65 -4.10 2.64
C GLN A 35 22.91 -2.87 3.15
N PRO A 36 23.07 -2.52 4.41
CA PRO A 36 22.39 -1.36 4.93
C PRO A 36 22.74 -0.14 4.10
N PRO A 37 21.75 0.63 3.69
CA PRO A 37 22.02 1.80 2.82
C PRO A 37 22.51 3.00 3.62
N LEU A 38 23.68 2.86 4.22
CA LEU A 38 24.22 3.84 5.14
C LEU A 38 25.40 4.56 4.50
N GLY A 39 25.69 5.76 5.00
CA GLY A 39 26.82 6.53 4.56
C GLY A 39 26.76 6.93 3.10
N ARG A 40 27.77 6.53 2.32
CA ARG A 40 27.76 6.75 0.88
C ARG A 40 26.76 5.85 0.15
N LEU A 41 26.15 4.88 0.84
CA LEU A 41 25.07 4.11 0.25
C LEU A 41 23.72 4.79 0.36
N ARG A 42 23.61 5.87 1.14
CA ARG A 42 22.34 6.58 1.25
C ARG A 42 21.93 7.14 -0.11
N PHE A 43 20.65 6.93 -0.45
CA PHE A 43 20.01 7.37 -1.70
C PHE A 43 20.35 6.46 -2.88
N LYS A 44 21.42 5.68 -2.78
CA LYS A 44 21.75 4.81 -3.90
C LYS A 44 20.81 3.60 -3.90
N LYS A 45 20.84 2.87 -5.01
CA LYS A 45 20.07 1.64 -5.12
C LYS A 45 20.58 0.64 -4.10
N PRO A 46 19.75 -0.34 -3.69
CA PRO A 46 20.20 -1.29 -2.68
C PRO A 46 21.28 -2.21 -3.23
N GLN A 47 22.39 -2.31 -2.51
CA GLN A 47 23.47 -3.21 -2.89
C GLN A 47 23.26 -4.57 -2.23
N SER A 48 23.72 -5.62 -2.92
CA SER A 48 23.52 -7.02 -2.51
C SER A 48 24.35 -7.35 -1.27
N LEU A 49 23.92 -8.39 -0.54
CA LEU A 49 24.45 -8.63 0.80
C LEU A 49 25.64 -9.58 0.74
N THR A 50 26.72 -9.20 1.42
CA THR A 50 27.87 -10.07 1.56
C THR A 50 27.48 -11.31 2.36
N LYS A 51 28.18 -12.41 2.09
CA LYS A 51 27.88 -13.66 2.77
C LYS A 51 28.26 -13.56 4.25
N TRP A 52 27.65 -14.42 5.07
CA TRP A 52 28.00 -14.47 6.49
C TRP A 52 28.07 -15.93 6.92
N SER A 53 28.96 -16.18 7.90
CA SER A 53 29.33 -17.52 8.33
C SER A 53 28.60 -17.97 9.58
N ASP A 54 27.90 -17.06 10.26
CA ASP A 54 27.26 -17.32 11.54
C ASP A 54 25.82 -17.80 11.32
N ILE A 55 25.08 -17.97 12.41
CA ILE A 55 23.65 -18.23 12.36
C ILE A 55 22.95 -16.93 12.69
N TRP A 56 22.42 -16.25 11.67
CA TRP A 56 21.64 -15.05 11.91
C TRP A 56 20.40 -15.37 12.73
N ASN A 57 20.15 -14.58 13.76
CA ASN A 57 19.10 -14.86 14.73
C ASN A 57 17.88 -14.04 14.35
N ALA A 58 17.03 -14.61 13.50
CA ALA A 58 15.87 -13.92 12.95
C ALA A 58 14.64 -14.13 13.83
N THR A 59 14.75 -13.62 15.06
CA THR A 59 13.78 -13.93 16.11
C THR A 59 13.09 -12.70 16.67
N LYS A 60 13.21 -11.55 16.01
CA LYS A 60 12.53 -10.33 16.39
C LYS A 60 12.48 -9.42 15.19
N TYR A 61 11.40 -8.66 15.08
CA TYR A 61 11.26 -7.69 14.01
C TYR A 61 12.47 -6.77 13.96
N ALA A 62 12.89 -6.37 12.77
CA ALA A 62 14.08 -5.55 12.68
C ALA A 62 13.72 -4.05 12.74
N ASN A 63 14.76 -3.21 12.66
CA ASN A 63 14.60 -1.77 12.57
C ASN A 63 13.64 -1.36 11.46
N SER A 64 12.78 -0.39 11.76
CA SER A 64 11.97 0.25 10.73
C SER A 64 12.79 1.36 10.05
N CYS A 65 12.49 1.61 8.77
CA CYS A 65 13.10 2.72 8.05
C CYS A 65 12.70 4.08 8.62
N CYS A 66 13.65 5.03 8.59
CA CYS A 66 13.39 6.39 9.07
C CYS A 66 12.10 6.95 8.48
N GLN A 67 11.35 7.69 9.30
CA GLN A 67 10.08 8.23 8.82
C GLN A 67 9.52 9.21 9.84
N ASN A 68 8.74 10.16 9.32
CA ASN A 68 8.01 11.06 10.19
C ASN A 68 6.77 10.35 10.72
N ILE A 69 6.42 10.65 11.97
CA ILE A 69 5.38 9.92 12.69
C ILE A 69 4.14 10.78 12.75
N ASP A 70 2.99 10.19 12.44
CA ASP A 70 1.71 10.83 12.70
C ASP A 70 1.56 11.16 14.18
N GLN A 71 1.59 12.45 14.52
CA GLN A 71 1.41 12.91 15.89
C GLN A 71 0.15 13.76 16.04
N SER A 72 -0.82 13.60 15.13
CA SER A 72 -2.05 14.37 15.19
C SER A 72 -3.00 13.86 16.28
N PHE A 73 -2.97 12.57 16.60
CA PHE A 73 -3.82 12.02 17.65
C PHE A 73 -3.00 11.23 18.67
N PRO A 74 -2.14 11.91 19.43
CA PRO A 74 -1.28 11.20 20.38
C PRO A 74 -2.11 10.38 21.38
N GLY A 75 -1.76 9.11 21.49
CA GLY A 75 -2.35 8.24 22.48
C GLY A 75 -3.60 7.53 22.01
N PHE A 76 -4.01 7.77 20.77
CA PHE A 76 -5.22 7.22 20.19
C PHE A 76 -4.84 6.04 19.29
N HIS A 77 -5.38 4.85 19.62
CA HIS A 77 -4.94 3.64 18.94
C HIS A 77 -5.26 3.67 17.45
N GLY A 78 -6.33 4.37 17.05
CA GLY A 78 -6.74 4.38 15.65
C GLY A 78 -5.74 5.07 14.75
N SER A 79 -4.95 5.99 15.32
CA SER A 79 -3.82 6.55 14.60
C SER A 79 -2.54 5.82 14.97
N GLU A 80 -2.32 5.58 16.25
CA GLU A 80 -1.02 5.04 16.65
C GLU A 80 -0.84 3.57 16.25
N MET A 81 -1.92 2.84 15.90
CA MET A 81 -1.72 1.47 15.43
C MET A 81 -0.89 1.44 14.16
N TRP A 82 -0.77 2.56 13.46
CA TRP A 82 -0.07 2.63 12.19
C TRP A 82 1.37 3.11 12.33
N ASN A 83 1.75 3.68 13.47
CA ASN A 83 3.09 4.20 13.67
C ASN A 83 4.09 3.06 13.89
N PRO A 84 5.36 3.26 13.53
CA PRO A 84 6.33 2.16 13.61
C PRO A 84 6.44 1.62 15.02
N ASN A 85 6.53 0.31 15.12
CA ASN A 85 6.67 -0.35 16.42
C ASN A 85 8.05 -0.94 16.64
N THR A 86 9.03 -0.57 15.83
CA THR A 86 10.43 -0.84 16.12
C THR A 86 11.23 0.45 15.97
N ASP A 87 12.42 0.46 16.60
CA ASP A 87 13.42 1.50 16.39
C ASP A 87 13.51 1.91 14.93
N LEU A 88 13.49 3.22 14.69
CA LEU A 88 13.78 3.74 13.35
C LEU A 88 15.28 3.75 13.14
N SER A 89 15.68 3.47 11.90
CA SER A 89 17.07 3.45 11.53
C SER A 89 17.17 3.48 10.02
N GLU A 90 18.29 3.99 9.52
CA GLU A 90 18.57 3.84 8.11
C GLU A 90 18.89 2.40 7.77
N ASP A 91 19.40 1.65 8.75
CA ASP A 91 19.72 0.24 8.55
C ASP A 91 18.41 -0.53 8.79
N CYS A 92 17.59 -0.58 7.75
CA CYS A 92 16.24 -1.12 7.86
C CYS A 92 15.86 -2.07 6.72
N LEU A 93 16.80 -2.48 5.89
CA LEU A 93 16.46 -3.36 4.76
C LEU A 93 16.45 -4.81 5.25
N TYR A 94 15.28 -5.24 5.73
CA TYR A 94 15.09 -6.54 6.33
C TYR A 94 13.73 -7.05 5.87
N LEU A 95 13.54 -8.37 6.00
CA LEU A 95 12.27 -9.00 5.64
C LEU A 95 11.93 -10.10 6.65
N ASN A 96 10.66 -10.56 6.61
CA ASN A 96 10.13 -11.57 7.51
C ASN A 96 9.49 -12.71 6.74
N VAL A 97 9.49 -13.90 7.35
CA VAL A 97 8.96 -15.10 6.72
C VAL A 97 8.22 -15.92 7.77
N TRP A 98 6.95 -16.17 7.55
CA TRP A 98 6.20 -17.15 8.32
C TRP A 98 6.02 -18.39 7.44
N ILE A 99 6.51 -19.53 7.92
CA ILE A 99 6.20 -20.77 7.20
C ILE A 99 5.39 -21.68 8.11
N PRO A 100 4.50 -22.49 7.55
CA PRO A 100 3.72 -23.43 8.35
C PRO A 100 4.63 -24.47 8.98
N ALA A 101 4.20 -24.98 10.14
CA ALA A 101 4.85 -26.13 10.72
C ALA A 101 3.90 -27.32 10.59
N PRO A 102 4.36 -28.46 10.06
CA PRO A 102 5.77 -28.62 9.67
C PRO A 102 6.08 -28.02 8.30
N LYS A 103 7.37 -27.77 8.03
CA LYS A 103 7.90 -27.20 6.80
C LYS A 103 7.08 -27.67 5.61
N PRO A 104 6.46 -26.78 4.85
CA PRO A 104 5.70 -27.22 3.68
C PRO A 104 6.65 -27.78 2.64
N LYS A 105 6.05 -28.43 1.64
CA LYS A 105 6.84 -28.97 0.54
C LYS A 105 7.06 -27.92 -0.54
N ASN A 106 6.00 -27.48 -1.23
CA ASN A 106 6.13 -26.54 -2.34
C ASN A 106 5.07 -25.43 -2.20
N ALA A 107 5.08 -24.75 -1.05
CA ALA A 107 4.00 -23.84 -0.68
C ALA A 107 3.96 -22.56 -1.52
N THR A 108 2.75 -22.10 -1.79
CA THR A 108 2.58 -20.81 -2.42
C THR A 108 3.02 -19.70 -1.48
N VAL A 109 3.67 -18.69 -2.03
CA VAL A 109 4.26 -17.62 -1.24
C VAL A 109 3.46 -16.34 -1.44
N LEU A 110 3.15 -15.67 -0.35
N LEU A 110 3.18 -15.67 -0.34
CA LEU A 110 2.47 -14.37 -0.39
CA LEU A 110 2.49 -14.38 -0.35
C LEU A 110 3.41 -13.29 0.12
C LEU A 110 3.44 -13.29 0.12
N ILE A 111 3.68 -12.29 -0.72
CA ILE A 111 4.59 -11.20 -0.37
C ILE A 111 3.79 -9.93 -0.15
N TRP A 112 3.90 -9.39 1.06
CA TRP A 112 3.16 -8.21 1.47
C TRP A 112 4.01 -6.96 1.33
N ILE A 113 3.44 -5.92 0.73
CA ILE A 113 4.07 -4.61 0.66
C ILE A 113 3.15 -3.61 1.35
N TYR A 114 3.63 -3.03 2.46
CA TYR A 114 2.81 -2.12 3.26
C TYR A 114 2.64 -0.76 2.57
N GLY A 115 1.60 -0.05 2.98
CA GLY A 115 1.38 1.31 2.54
C GLY A 115 1.92 2.30 3.56
N GLY A 116 1.55 3.56 3.36
CA GLY A 116 2.08 4.64 4.14
C GLY A 116 2.39 5.83 3.25
N GLY A 117 1.70 5.93 2.12
CA GLY A 117 1.87 7.10 1.27
C GLY A 117 3.27 7.26 0.73
N PHE A 118 4.06 6.17 0.67
CA PHE A 118 5.49 6.18 0.34
C PHE A 118 6.31 7.03 1.30
N GLN A 119 5.72 7.48 2.40
CA GLN A 119 6.46 8.24 3.40
C GLN A 119 6.59 7.50 4.72
N THR A 120 5.70 6.54 5.00
CA THR A 120 5.64 5.90 6.31
C THR A 120 5.36 4.41 6.12
N GLY A 121 5.42 3.65 7.23
CA GLY A 121 5.00 2.26 7.23
C GLY A 121 6.04 1.26 7.68
N THR A 122 5.63 0.05 8.04
CA THR A 122 6.63 -0.91 8.48
C THR A 122 5.99 -2.29 8.49
N SER A 123 6.79 -3.29 8.12
CA SER A 123 6.33 -4.66 8.03
C SER A 123 5.98 -5.25 9.40
N SER A 124 6.49 -4.65 10.47
CA SER A 124 6.35 -5.22 11.81
C SER A 124 5.02 -4.86 12.45
N LEU A 125 4.11 -4.21 11.73
CA LEU A 125 2.85 -3.80 12.34
C LEU A 125 1.97 -5.01 12.63
N HIS A 126 1.23 -4.92 13.74
CA HIS A 126 0.41 -6.03 14.22
C HIS A 126 -0.61 -6.48 13.17
N VAL A 127 -1.12 -5.55 12.35
CA VAL A 127 -2.14 -5.93 11.37
C VAL A 127 -1.48 -6.49 10.11
N TYR A 128 -0.17 -6.72 10.16
CA TYR A 128 0.58 -7.37 9.08
C TYR A 128 1.18 -8.68 9.54
N ASP A 129 0.81 -9.16 10.72
CA ASP A 129 1.25 -10.45 11.21
C ASP A 129 0.81 -11.57 10.28
N GLY A 130 1.77 -12.21 9.60
CA GLY A 130 1.47 -13.25 8.65
C GLY A 130 1.27 -14.63 9.24
N LYS A 131 1.42 -14.80 10.56
CA LYS A 131 1.35 -16.13 11.13
C LYS A 131 -0.05 -16.74 10.99
N PHE A 132 -1.09 -15.90 10.93
CA PHE A 132 -2.43 -16.44 10.76
C PHE A 132 -2.58 -17.11 9.42
N LEU A 133 -2.12 -16.44 8.35
CA LEU A 133 -2.20 -16.99 7.01
C LEU A 133 -1.33 -18.23 6.87
N ALA A 134 -0.16 -18.25 7.54
CA ALA A 134 0.71 -19.41 7.45
C ALA A 134 0.02 -20.62 8.06
N ARG A 135 -0.59 -20.41 9.23
CA ARG A 135 -1.20 -21.51 9.95
C ARG A 135 -2.47 -22.01 9.26
N VAL A 136 -3.31 -21.08 8.80
CA VAL A 136 -4.67 -21.43 8.39
C VAL A 136 -4.74 -21.85 6.92
N GLU A 137 -3.90 -21.29 6.05
CA GLU A 137 -3.93 -21.61 4.63
C GLU A 137 -2.65 -22.29 4.15
N ARG A 138 -1.69 -22.52 5.03
CA ARG A 138 -0.44 -23.22 4.69
C ARG A 138 0.28 -22.56 3.53
N VAL A 139 0.09 -21.26 3.38
CA VAL A 139 0.95 -20.46 2.53
C VAL A 139 2.13 -19.93 3.35
N ILE A 140 3.18 -19.51 2.68
CA ILE A 140 4.26 -18.79 3.31
C ILE A 140 4.02 -17.30 3.12
N VAL A 141 4.17 -16.52 4.20
CA VAL A 141 4.03 -15.07 4.09
C VAL A 141 5.41 -14.44 4.25
N VAL A 142 5.76 -13.60 3.28
CA VAL A 142 6.96 -12.79 3.33
C VAL A 142 6.52 -11.33 3.31
N SER A 143 7.19 -10.51 4.11
CA SER A 143 7.01 -9.08 4.08
C SER A 143 8.38 -8.47 4.26
N MET A 144 8.57 -7.27 3.71
CA MET A 144 9.86 -6.58 3.74
C MET A 144 9.69 -5.12 4.19
N ASN A 145 10.78 -4.55 4.70
CA ASN A 145 10.87 -3.12 4.86
C ASN A 145 11.55 -2.51 3.64
N TYR A 146 11.02 -1.39 3.18
CA TYR A 146 11.62 -0.66 2.07
C TYR A 146 11.73 0.79 2.49
N ARG A 147 12.72 1.50 1.94
CA ARG A 147 12.94 2.88 2.32
C ARG A 147 11.80 3.77 1.85
N VAL A 148 11.46 4.77 2.66
CA VAL A 148 10.31 5.64 2.44
C VAL A 148 10.79 7.09 2.56
N GLY A 149 9.91 8.02 2.20
CA GLY A 149 10.22 9.43 2.22
C GLY A 149 11.40 9.77 1.31
N ALA A 150 12.10 10.85 1.63
CA ALA A 150 13.22 11.26 0.81
C ALA A 150 14.29 10.15 0.77
N LEU A 151 14.53 9.49 1.89
CA LEU A 151 15.60 8.50 1.93
C LEU A 151 15.38 7.39 0.92
N GLY A 152 14.12 7.10 0.58
CA GLY A 152 13.81 6.08 -0.41
C GLY A 152 13.38 6.55 -1.79
N PHE A 153 13.05 7.84 -1.96
CA PHE A 153 12.50 8.27 -3.25
C PHE A 153 13.03 9.62 -3.73
N LEU A 154 14.09 10.15 -3.10
CA LEU A 154 14.77 11.32 -3.65
C LEU A 154 15.18 11.04 -5.09
N ALA A 155 14.97 12.01 -5.98
CA ALA A 155 15.21 11.76 -7.41
C ALA A 155 16.02 12.89 -8.02
N LEU A 156 17.25 12.56 -8.42
CA LEU A 156 18.03 13.39 -9.32
C LEU A 156 18.12 12.59 -10.62
N PRO A 157 17.13 12.68 -11.51
CA PRO A 157 16.97 11.70 -12.58
C PRO A 157 18.26 11.49 -13.37
N GLY A 158 18.55 10.22 -13.67
CA GLY A 158 19.76 9.82 -14.34
C GLY A 158 20.98 9.72 -13.46
N ASN A 159 20.96 10.30 -12.25
CA ASN A 159 22.13 10.35 -11.40
C ASN A 159 22.12 9.19 -10.42
N PRO A 160 23.06 8.24 -10.51
CA PRO A 160 22.97 7.04 -9.65
C PRO A 160 23.12 7.35 -8.17
N GLU A 161 23.70 8.49 -7.83
CA GLU A 161 23.83 8.86 -6.42
C GLU A 161 22.47 9.11 -5.78
N ALA A 162 21.48 9.49 -6.59
CA ALA A 162 20.09 9.66 -6.12
C ALA A 162 19.16 9.41 -7.29
N PRO A 163 19.08 8.16 -7.76
CA PRO A 163 18.41 7.91 -9.05
C PRO A 163 16.89 7.96 -8.94
N GLY A 164 16.36 7.92 -7.74
CA GLY A 164 14.92 7.81 -7.62
C GLY A 164 14.48 6.36 -7.51
N ASN A 165 13.34 6.15 -6.87
CA ASN A 165 12.71 4.84 -6.79
C ASN A 165 13.48 3.83 -5.94
N MET A 166 14.42 4.25 -5.08
CA MET A 166 15.16 3.28 -4.27
C MET A 166 14.25 2.34 -3.48
N GLY A 167 13.22 2.88 -2.82
CA GLY A 167 12.31 2.03 -2.07
C GLY A 167 11.67 0.95 -2.93
N LEU A 168 11.33 1.29 -4.17
CA LEU A 168 10.81 0.26 -5.06
C LEU A 168 11.91 -0.75 -5.38
N PHE A 169 13.14 -0.29 -5.55
CA PHE A 169 14.22 -1.24 -5.80
C PHE A 169 14.52 -2.07 -4.54
N ASP A 170 14.33 -1.48 -3.35
CA ASP A 170 14.38 -2.28 -2.12
C ASP A 170 13.39 -3.45 -2.20
N GLN A 171 12.10 -3.14 -2.39
CA GLN A 171 11.11 -4.18 -2.59
C GLN A 171 11.58 -5.19 -3.63
N GLN A 172 12.02 -4.71 -4.80
CA GLN A 172 12.39 -5.63 -5.87
C GLN A 172 13.49 -6.58 -5.42
N LEU A 173 14.46 -6.06 -4.68
CA LEU A 173 15.52 -6.90 -4.17
C LEU A 173 15.01 -7.93 -3.18
N ALA A 174 13.97 -7.57 -2.41
CA ALA A 174 13.36 -8.56 -1.53
C ALA A 174 12.70 -9.66 -2.33
N LEU A 175 11.95 -9.28 -3.37
CA LEU A 175 11.34 -10.28 -4.25
C LEU A 175 12.39 -11.22 -4.83
N GLN A 176 13.55 -10.67 -5.19
CA GLN A 176 14.65 -11.48 -5.68
C GLN A 176 15.12 -12.46 -4.61
N TRP A 177 15.19 -12.00 -3.36
CA TRP A 177 15.59 -12.87 -2.26
C TRP A 177 14.65 -14.07 -2.16
N VAL A 178 13.34 -13.81 -2.27
CA VAL A 178 12.37 -14.89 -2.23
C VAL A 178 12.58 -15.85 -3.40
N GLN A 179 12.92 -15.31 -4.58
CA GLN A 179 13.18 -16.19 -5.72
C GLN A 179 14.35 -17.12 -5.45
N LYS A 180 15.43 -16.62 -4.84
CA LYS A 180 16.62 -17.45 -4.67
C LYS A 180 16.66 -18.24 -3.36
N ASN A 181 15.80 -17.91 -2.38
CA ASN A 181 15.91 -18.52 -1.06
C ASN A 181 14.65 -19.18 -0.54
N ILE A 182 13.47 -18.85 -1.08
CA ILE A 182 12.25 -19.39 -0.48
C ILE A 182 12.14 -20.89 -0.69
N ALA A 183 12.81 -21.45 -1.71
CA ALA A 183 12.81 -22.90 -1.83
C ALA A 183 13.37 -23.56 -0.58
N ALA A 184 14.35 -22.94 0.08
CA ALA A 184 14.91 -23.56 1.27
C ALA A 184 13.91 -23.57 2.42
N PHE A 185 12.98 -22.62 2.45
CA PHE A 185 11.95 -22.52 3.47
C PHE A 185 10.71 -23.35 3.14
N GLY A 186 10.73 -24.10 2.04
CA GLY A 186 9.58 -24.87 1.65
C GLY A 186 8.60 -24.15 0.75
N GLY A 187 8.95 -22.95 0.27
CA GLY A 187 8.09 -22.22 -0.62
C GLY A 187 8.42 -22.49 -2.05
N ASN A 188 7.43 -22.26 -2.91
CA ASN A 188 7.53 -22.41 -4.35
C ASN A 188 7.83 -21.06 -5.01
N PRO A 189 9.08 -20.81 -5.44
CA PRO A 189 9.39 -19.53 -6.13
C PRO A 189 8.56 -19.29 -7.37
N LYS A 190 7.96 -20.34 -7.92
CA LYS A 190 7.13 -20.22 -9.10
C LYS A 190 5.70 -19.82 -8.78
N SER A 191 5.36 -19.63 -7.49
CA SER A 191 3.99 -19.39 -7.07
C SER A 191 3.97 -18.31 -5.99
N VAL A 192 4.19 -17.08 -6.43
CA VAL A 192 4.43 -15.92 -5.57
C VAL A 192 3.40 -14.86 -5.93
N THR A 193 2.60 -14.46 -4.95
CA THR A 193 1.59 -13.44 -5.17
C THR A 193 1.96 -12.18 -4.36
N LEU A 194 2.27 -11.10 -5.05
CA LEU A 194 2.42 -9.82 -4.38
C LEU A 194 1.04 -9.36 -3.92
N PHE A 195 0.93 -8.96 -2.65
CA PHE A 195 -0.22 -8.20 -2.21
C PHE A 195 0.25 -7.06 -1.31
N GLY A 196 -0.55 -5.99 -1.29
CA GLY A 196 -0.24 -4.74 -0.59
C GLY A 196 -1.47 -3.85 -0.56
N GLU A 197 -1.37 -2.78 0.21
CA GLU A 197 -2.50 -1.88 0.45
C GLU A 197 -2.05 -0.44 0.33
N SER A 198 -2.87 0.40 -0.30
CA SER A 198 -2.60 1.84 -0.44
C SER A 198 -1.32 2.01 -1.26
N ALA A 199 -0.29 2.68 -0.75
CA ALA A 199 0.94 2.80 -1.50
C ALA A 199 1.56 1.42 -1.73
N GLY A 200 1.31 0.47 -0.81
CA GLY A 200 1.67 -0.90 -1.07
C GLY A 200 1.05 -1.39 -2.35
N ALA A 201 -0.27 -1.18 -2.49
CA ALA A 201 -0.98 -1.57 -3.70
C ALA A 201 -0.47 -0.82 -4.93
N ALA A 202 -0.28 0.49 -4.81
CA ALA A 202 0.39 1.20 -5.91
C ALA A 202 1.75 0.58 -6.22
N SER A 203 2.49 0.11 -5.20
CA SER A 203 3.77 -0.53 -5.48
C SER A 203 3.57 -1.82 -6.26
N VAL A 204 2.63 -2.66 -5.82
CA VAL A 204 2.43 -3.92 -6.50
C VAL A 204 2.07 -3.65 -7.96
N SER A 205 1.23 -2.65 -8.19
CA SER A 205 0.89 -2.31 -9.56
C SER A 205 2.12 -1.84 -10.34
N LEU A 206 3.07 -1.15 -9.70
CA LEU A 206 4.26 -0.73 -10.42
C LEU A 206 5.15 -1.91 -10.77
N HIS A 207 5.12 -2.95 -9.92
CA HIS A 207 5.89 -4.16 -10.23
C HIS A 207 5.31 -4.90 -11.42
N LEU A 208 3.99 -4.83 -11.63
CA LEU A 208 3.39 -5.28 -12.89
C LEU A 208 4.00 -4.57 -14.11
N LEU A 209 4.37 -3.30 -13.98
CA LEU A 209 4.93 -2.56 -15.12
C LEU A 209 6.44 -2.70 -15.26
N SER A 210 7.15 -2.82 -14.16
CA SER A 210 8.61 -2.79 -14.23
C SER A 210 9.11 -4.08 -14.83
N PRO A 211 9.77 -4.04 -15.97
CA PRO A 211 10.26 -5.30 -16.57
C PRO A 211 11.16 -6.07 -15.64
N GLY A 212 11.96 -5.38 -14.81
CA GLY A 212 12.83 -6.08 -13.90
C GLY A 212 12.13 -6.83 -12.80
N SER A 213 10.80 -6.67 -12.70
CA SER A 213 10.02 -7.45 -11.75
C SER A 213 9.22 -8.55 -12.41
N HIS A 214 9.15 -8.58 -13.74
N HIS A 214 9.17 -8.63 -13.73
CA HIS A 214 8.30 -9.52 -14.46
CA HIS A 214 8.21 -9.52 -14.37
C HIS A 214 8.47 -10.94 -13.95
C HIS A 214 8.46 -10.99 -13.99
N SER A 215 9.71 -11.38 -13.76
CA SER A 215 10.04 -12.75 -13.43
C SER A 215 10.15 -13.02 -11.93
N LEU A 216 9.76 -12.05 -11.09
CA LEU A 216 9.96 -12.18 -9.66
C LEU A 216 8.67 -12.49 -8.91
N PHE A 217 7.56 -12.69 -9.61
CA PHE A 217 6.30 -13.03 -8.96
C PHE A 217 5.32 -13.55 -10.00
N THR A 218 4.21 -14.09 -9.51
CA THR A 218 3.24 -14.72 -10.39
C THR A 218 1.98 -13.89 -10.56
N ARG A 219 1.40 -13.45 -9.43
CA ARG A 219 0.10 -12.81 -9.40
C ARG A 219 0.14 -11.60 -8.48
N ALA A 220 -0.94 -10.82 -8.53
CA ALA A 220 -0.94 -9.53 -7.86
C ALA A 220 -2.31 -9.25 -7.27
N ILE A 221 -2.31 -8.71 -6.06
CA ILE A 221 -3.49 -8.32 -5.32
C ILE A 221 -3.32 -6.85 -4.96
N LEU A 222 -4.28 -6.00 -5.37
CA LEU A 222 -4.20 -4.56 -5.12
C LEU A 222 -5.31 -4.11 -4.18
N GLN A 223 -4.98 -3.79 -2.93
CA GLN A 223 -5.97 -3.30 -1.97
C GLN A 223 -5.89 -1.78 -1.81
N SER A 224 -6.96 -1.08 -2.18
CA SER A 224 -7.07 0.39 -2.02
C SER A 224 -5.86 1.15 -2.59
N GLY A 225 -5.48 0.85 -3.82
CA GLY A 225 -4.33 1.54 -4.38
C GLY A 225 -3.93 1.06 -5.75
N SER A 226 -3.35 1.94 -6.58
CA SER A 226 -2.85 1.59 -7.89
C SER A 226 -2.04 2.76 -8.43
N PHE A 227 -1.14 2.48 -9.38
CA PHE A 227 -0.15 3.48 -9.76
C PHE A 227 -0.77 4.68 -10.45
N ASN A 228 -1.97 4.52 -11.02
CA ASN A 228 -2.62 5.62 -11.70
C ASN A 228 -3.39 6.50 -10.75
N ALA A 229 -3.33 6.23 -9.45
CA ALA A 229 -3.92 7.14 -8.48
C ALA A 229 -3.20 8.49 -8.52
N PRO A 230 -3.91 9.60 -8.32
CA PRO A 230 -3.27 10.92 -8.54
C PRO A 230 -2.06 11.15 -7.62
N TRP A 231 -2.00 10.50 -6.47
CA TRP A 231 -0.90 10.65 -5.51
C TRP A 231 0.26 9.68 -5.75
N ALA A 232 0.18 8.79 -6.73
CA ALA A 232 1.11 7.66 -6.76
C ALA A 232 2.44 7.94 -7.45
N VAL A 233 2.49 8.83 -8.45
CA VAL A 233 3.70 9.01 -9.24
C VAL A 233 4.06 10.50 -9.30
N THR A 234 5.27 10.84 -8.86
CA THR A 234 5.79 12.20 -8.97
C THR A 234 6.27 12.46 -10.39
N SER A 235 6.00 13.66 -10.90
CA SER A 235 6.54 14.04 -12.19
C SER A 235 8.05 14.23 -12.07
N LEU A 236 8.75 14.00 -13.18
CA LEU A 236 10.19 14.25 -13.15
C LEU A 236 10.51 15.70 -12.85
N TYR A 237 9.63 16.61 -13.28
CA TYR A 237 9.73 18.01 -12.89
C TYR A 237 9.69 18.13 -11.38
N GLU A 238 8.55 17.81 -10.78
CA GLU A 238 8.35 18.06 -9.35
C GLU A 238 9.39 17.34 -8.51
N ALA A 239 9.80 16.14 -8.91
CA ALA A 239 10.86 15.45 -8.17
C ALA A 239 12.12 16.29 -8.12
N ARG A 240 12.49 16.91 -9.24
CA ARG A 240 13.61 17.84 -9.21
C ARG A 240 13.29 19.06 -8.34
N ASN A 241 12.13 19.70 -8.56
CA ASN A 241 11.82 20.86 -7.73
C ASN A 241 11.85 20.48 -6.26
N ARG A 242 11.46 19.23 -5.95
CA ARG A 242 11.43 18.77 -4.57
C ARG A 242 12.84 18.49 -4.05
N THR A 243 13.61 17.70 -4.78
CA THR A 243 15.02 17.50 -4.45
C THR A 243 15.73 18.83 -4.22
N LEU A 244 15.49 19.82 -5.09
CA LEU A 244 16.20 21.09 -4.97
C LEU A 244 15.73 21.87 -3.74
N ASN A 245 14.42 21.92 -3.51
CA ASN A 245 13.93 22.65 -2.34
C ASN A 245 14.43 22.02 -1.06
N LEU A 246 14.56 20.69 -1.03
CA LEU A 246 15.21 20.04 0.11
C LEU A 246 16.64 20.52 0.28
N ALA A 247 17.42 20.56 -0.81
CA ALA A 247 18.82 21.00 -0.72
C ALA A 247 18.93 22.37 -0.09
N LYS A 248 18.04 23.29 -0.46
CA LYS A 248 18.10 24.61 0.15
C LYS A 248 17.77 24.53 1.64
N LEU A 249 16.66 23.87 1.98
CA LEU A 249 16.24 23.81 3.38
C LEU A 249 17.32 23.22 4.27
N THR A 250 18.14 22.31 3.75
CA THR A 250 19.26 21.78 4.51
C THR A 250 20.55 22.56 4.27
N GLY A 251 20.54 23.52 3.34
CA GLY A 251 21.76 24.26 3.06
C GLY A 251 22.71 23.51 2.16
N CYS A 252 22.21 22.59 1.35
CA CYS A 252 23.02 21.78 0.45
C CYS A 252 22.89 22.23 -0.99
N SER A 253 22.39 23.44 -1.23
CA SER A 253 22.29 23.93 -2.59
C SER A 253 23.67 24.06 -3.20
N ARG A 254 23.96 23.24 -4.23
CA ARG A 254 25.23 23.30 -4.94
C ARG A 254 24.98 23.31 -6.45
N GLU A 255 25.97 23.80 -7.20
CA GLU A 255 25.87 23.76 -8.67
C GLU A 255 26.10 22.36 -9.22
N ASN A 256 27.14 21.67 -8.74
CA ASN A 256 27.35 20.27 -9.08
C ASN A 256 26.25 19.44 -8.41
N GLU A 257 25.46 18.75 -9.24
CA GLU A 257 24.31 18.01 -8.72
C GLU A 257 24.73 16.87 -7.80
N THR A 258 25.88 16.25 -8.06
CA THR A 258 26.34 15.20 -7.17
C THR A 258 26.89 15.79 -5.88
N GLU A 259 27.44 17.01 -5.95
CA GLU A 259 27.87 17.70 -4.74
C GLU A 259 26.69 17.96 -3.81
N ILE A 260 25.49 18.13 -4.37
CA ILE A 260 24.30 18.21 -3.53
C ILE A 260 24.12 16.91 -2.76
N ILE A 261 24.03 15.79 -3.48
CA ILE A 261 23.83 14.49 -2.83
C ILE A 261 24.90 14.28 -1.76
N LYS A 262 26.16 14.54 -2.09
CA LYS A 262 27.22 14.39 -1.09
C LYS A 262 26.90 15.19 0.17
N CYS A 263 26.44 16.42 -0.03
CA CYS A 263 26.07 17.27 1.10
C CYS A 263 24.88 16.71 1.89
N LEU A 264 23.86 16.23 1.18
CA LEU A 264 22.73 15.61 1.85
C LEU A 264 23.09 14.31 2.55
N ARG A 265 24.29 13.78 2.32
CA ARG A 265 24.72 12.54 2.92
C ARG A 265 25.43 12.75 4.25
N ASN A 266 25.72 13.99 4.62
CA ASN A 266 26.27 14.28 5.94
C ASN A 266 25.23 14.88 6.86
N LYS A 267 23.97 14.74 6.53
CA LYS A 267 22.90 15.23 7.37
C LYS A 267 22.32 14.08 8.19
N ASP A 268 22.11 14.31 9.48
CA ASP A 268 21.35 13.35 10.28
C ASP A 268 19.95 13.17 9.67
N PRO A 269 19.44 11.94 9.61
CA PRO A 269 18.10 11.74 9.04
C PRO A 269 17.04 12.68 9.60
N GLN A 270 17.15 13.02 10.90
CA GLN A 270 16.21 13.94 11.52
CA GLN A 270 16.19 13.94 11.50
C GLN A 270 16.09 15.24 10.71
N GLU A 271 17.24 15.78 10.28
CA GLU A 271 17.23 17.00 9.46
C GLU A 271 16.56 16.75 8.12
N ILE A 272 16.69 15.55 7.57
CA ILE A 272 16.06 15.29 6.28
C ILE A 272 14.55 15.15 6.43
N LEU A 273 14.10 14.49 7.50
CA LEU A 273 12.68 14.27 7.72
C LEU A 273 11.95 15.58 8.08
N LEU A 274 12.56 16.40 8.95
CA LEU A 274 11.88 17.62 9.36
C LEU A 274 11.64 18.55 8.19
N ASN A 275 12.40 18.42 7.11
CA ASN A 275 12.25 19.31 5.96
C ASN A 275 11.37 18.74 4.85
N GLU A 276 11.13 17.42 4.85
CA GLU A 276 10.30 16.80 3.83
C GLU A 276 8.94 17.48 3.69
N ALA A 277 8.38 17.97 4.79
CA ALA A 277 7.00 18.45 4.79
C ALA A 277 6.83 19.67 3.88
N PHE A 278 7.71 20.67 4.00
CA PHE A 278 7.58 21.89 3.22
C PHE A 278 8.38 21.83 1.93
N VAL A 279 8.72 20.64 1.46
CA VAL A 279 9.39 20.54 0.17
C VAL A 279 8.43 20.89 -0.96
N VAL A 280 7.13 20.64 -0.78
CA VAL A 280 6.08 21.06 -1.71
C VAL A 280 5.58 22.44 -1.27
N PRO A 281 4.84 23.18 -2.11
CA PRO A 281 4.39 24.52 -1.69
C PRO A 281 3.13 24.48 -0.83
N TYR A 282 2.12 23.78 -1.33
CA TYR A 282 0.86 23.58 -0.62
C TYR A 282 0.68 22.07 -0.46
N GLY A 283 0.90 21.57 0.74
CA GLY A 283 0.63 20.18 1.01
C GLY A 283 -0.82 19.92 1.32
N THR A 284 -1.19 18.65 1.29
CA THR A 284 -2.53 18.17 1.62
C THR A 284 -2.39 16.95 2.51
N PRO A 285 -3.49 16.49 3.12
CA PRO A 285 -3.41 15.25 3.89
C PRO A 285 -2.97 14.06 3.06
N LEU A 286 -2.99 14.15 1.73
CA LEU A 286 -2.55 13.07 0.87
C LEU A 286 -1.22 13.34 0.21
N SER A 287 -0.48 14.36 0.63
CA SER A 287 0.75 14.71 -0.07
C SER A 287 1.75 13.56 -0.02
N VAL A 288 2.29 13.20 -1.18
CA VAL A 288 3.37 12.24 -1.27
C VAL A 288 4.64 13.00 -1.64
N ASN A 289 5.34 13.54 -0.63
CA ASN A 289 6.42 14.49 -0.92
C ASN A 289 7.49 13.86 -1.80
N PHE A 290 7.84 12.62 -1.51
CA PHE A 290 8.86 11.89 -2.24
C PHE A 290 8.31 10.52 -2.54
N GLY A 291 8.14 10.21 -3.82
CA GLY A 291 7.53 8.96 -4.19
C GLY A 291 8.02 8.44 -5.52
N PRO A 292 7.33 7.42 -6.04
CA PRO A 292 7.74 6.84 -7.32
C PRO A 292 7.87 7.89 -8.39
N THR A 293 8.89 7.72 -9.22
CA THR A 293 9.16 8.65 -10.29
C THR A 293 9.50 7.82 -11.53
N VAL A 294 9.39 8.43 -12.70
CA VAL A 294 9.85 7.81 -13.93
C VAL A 294 11.37 7.92 -13.99
N ASP A 295 12.05 6.94 -13.42
CA ASP A 295 13.50 7.00 -13.31
C ASP A 295 14.24 6.52 -14.57
N GLY A 296 13.53 5.95 -15.55
CA GLY A 296 14.24 5.31 -16.64
C GLY A 296 14.90 3.99 -16.27
N ASP A 297 14.66 3.49 -15.07
CA ASP A 297 15.30 2.25 -14.65
C ASP A 297 14.21 1.28 -14.21
N PHE A 298 13.67 1.47 -13.02
CA PHE A 298 12.52 0.70 -12.59
C PHE A 298 11.32 0.99 -13.48
N LEU A 299 11.18 2.24 -13.92
CA LEU A 299 10.03 2.70 -14.69
C LEU A 299 10.57 3.39 -15.93
N THR A 300 10.15 2.92 -17.10
CA THR A 300 10.77 3.40 -18.33
C THR A 300 9.97 4.46 -19.05
N ASP A 301 8.72 4.67 -18.65
CA ASP A 301 7.83 5.62 -19.30
C ASP A 301 6.76 5.95 -18.29
N MET A 302 5.99 6.99 -18.55
CA MET A 302 4.94 7.29 -17.59
C MET A 302 3.89 6.19 -17.54
N PRO A 303 3.57 5.69 -16.36
CA PRO A 303 2.79 4.46 -16.26
C PRO A 303 1.44 4.57 -16.91
N ASP A 304 0.88 5.77 -17.05
CA ASP A 304 -0.42 5.83 -17.68
C ASP A 304 -0.33 5.39 -19.14
N ILE A 305 0.80 5.70 -19.78
CA ILE A 305 1.07 5.24 -21.14
C ILE A 305 1.29 3.73 -21.18
N LEU A 306 2.01 3.18 -20.20
CA LEU A 306 2.27 1.75 -20.21
C LEU A 306 0.98 0.97 -20.04
N LEU A 307 0.18 1.34 -19.02
CA LEU A 307 -1.15 0.78 -18.82
C LEU A 307 -1.96 0.82 -20.12
N GLU A 308 -2.08 2.01 -20.71
CA GLU A 308 -2.98 2.19 -21.83
C GLU A 308 -2.60 1.29 -23.00
N LEU A 309 -1.31 0.95 -23.14
CA LEU A 309 -0.85 0.20 -24.32
C LEU A 309 -0.40 -1.21 -23.97
N GLY A 310 -0.91 -1.78 -22.88
CA GLY A 310 -0.73 -3.19 -22.57
C GLY A 310 0.69 -3.59 -22.24
N GLN A 311 1.45 -2.68 -21.65
CA GLN A 311 2.87 -2.91 -21.45
C GLN A 311 3.12 -3.27 -20.00
N PHE A 312 2.58 -4.42 -19.60
CA PHE A 312 2.73 -4.92 -18.25
C PHE A 312 2.74 -6.45 -18.26
N LYS A 313 3.10 -7.01 -17.12
CA LYS A 313 3.05 -8.46 -16.94
C LYS A 313 1.63 -8.98 -17.14
N LYS A 314 1.47 -9.96 -18.03
CA LYS A 314 0.17 -10.60 -18.24
C LYS A 314 -0.07 -11.68 -17.19
N THR A 315 -1.09 -11.49 -16.36
CA THR A 315 -1.36 -12.36 -15.21
C THR A 315 -2.68 -11.96 -14.58
N GLN A 316 -3.06 -12.58 -13.46
CA GLN A 316 -4.36 -12.26 -12.87
C GLN A 316 -4.15 -11.23 -11.78
N ILE A 317 -5.15 -10.40 -11.57
CA ILE A 317 -5.10 -9.39 -10.52
C ILE A 317 -6.37 -9.46 -9.68
N LEU A 318 -6.22 -9.24 -8.39
CA LEU A 318 -7.33 -9.12 -7.47
C LEU A 318 -7.27 -7.68 -6.96
N VAL A 319 -8.28 -6.89 -7.32
CA VAL A 319 -8.32 -5.47 -7.03
C VAL A 319 -9.56 -5.18 -6.20
N GLY A 320 -9.48 -4.13 -5.37
CA GLY A 320 -10.64 -3.71 -4.62
C GLY A 320 -10.37 -2.53 -3.73
N VAL A 321 -11.44 -2.01 -3.15
CA VAL A 321 -11.42 -0.76 -2.39
C VAL A 321 -12.43 -0.89 -1.27
N ASN A 322 -12.32 0.00 -0.30
CA ASN A 322 -13.25 0.05 0.82
C ASN A 322 -14.31 1.12 0.56
N LYS A 323 -15.42 1.02 1.30
CA LYS A 323 -16.59 1.87 1.06
C LYS A 323 -16.34 3.32 1.45
N ASP A 324 -15.50 3.58 2.46
CA ASP A 324 -15.22 4.97 2.89
C ASP A 324 -13.71 5.24 2.90
N GLU A 325 -13.08 5.04 1.73
CA GLU A 325 -11.65 5.32 1.54
C GLU A 325 -11.27 6.75 1.96
N GLY A 326 -12.18 7.71 1.77
CA GLY A 326 -11.81 9.09 1.94
C GLY A 326 -11.96 9.66 3.32
N THR A 327 -12.63 8.99 4.26
CA THR A 327 -12.96 9.68 5.49
C THR A 327 -11.73 9.88 6.38
N ALA A 328 -10.76 8.98 6.31
CA ALA A 328 -9.57 9.06 7.15
C ALA A 328 -8.85 10.41 6.99
N PHE A 329 -8.82 10.93 5.77
CA PHE A 329 -8.05 12.13 5.52
C PHE A 329 -8.81 13.37 5.92
N LEU A 330 -10.13 13.29 6.05
CA LEU A 330 -10.91 14.47 6.39
C LEU A 330 -10.54 15.04 7.75
N VAL A 331 -10.06 14.19 8.68
CA VAL A 331 -9.75 14.66 10.02
C VAL A 331 -8.28 15.08 10.14
N TYR A 332 -7.57 15.17 9.04
CA TYR A 332 -6.18 15.59 8.98
C TYR A 332 -6.06 16.96 8.30
N GLY A 333 -6.99 17.86 8.54
CA GLY A 333 -6.87 19.19 7.98
C GLY A 333 -8.17 19.85 7.57
N ALA A 334 -9.14 19.05 7.14
CA ALA A 334 -10.40 19.61 6.65
C ALA A 334 -11.08 20.44 7.72
N PRO A 335 -11.54 21.64 7.41
CA PRO A 335 -12.17 22.48 8.42
C PRO A 335 -13.50 21.89 8.88
N GLY A 336 -13.78 22.04 10.18
CA GLY A 336 -15.01 21.56 10.76
C GLY A 336 -15.07 20.07 11.00
N PHE A 337 -14.00 19.33 10.72
CA PHE A 337 -13.98 17.89 10.91
C PHE A 337 -13.24 17.52 12.20
N SER A 338 -13.65 16.39 12.78
CA SER A 338 -12.96 15.87 13.96
C SER A 338 -13.39 14.43 14.20
N LYS A 339 -12.46 13.59 14.66
CA LYS A 339 -12.89 12.25 15.04
C LYS A 339 -13.77 12.24 16.30
N ASP A 340 -13.91 13.37 16.99
CA ASP A 340 -14.58 13.40 18.29
C ASP A 340 -15.95 14.07 18.25
N ASN A 341 -16.48 14.35 17.05
CA ASN A 341 -17.87 14.76 16.87
C ASN A 341 -18.31 14.32 15.48
N ASN A 342 -19.61 14.43 15.21
CA ASN A 342 -20.16 13.89 13.97
C ASN A 342 -19.80 14.70 12.73
N SER A 343 -19.14 15.85 12.90
CA SER A 343 -18.48 16.56 11.79
C SER A 343 -19.48 17.08 10.75
N ILE A 344 -20.70 17.37 11.18
CA ILE A 344 -21.64 18.07 10.31
C ILE A 344 -21.00 19.36 9.85
N ILE A 345 -20.80 19.49 8.54
CA ILE A 345 -20.19 20.70 8.02
C ILE A 345 -21.17 21.38 7.08
N THR A 346 -20.97 22.67 6.91
CA THR A 346 -21.81 23.48 6.05
C THR A 346 -21.32 23.43 4.60
N ARG A 347 -22.06 24.12 3.73
CA ARG A 347 -21.62 24.30 2.35
C ARG A 347 -20.26 25.00 2.31
N LYS A 348 -20.16 26.14 3.00
CA LYS A 348 -18.92 26.89 3.07
C LYS A 348 -17.77 26.03 3.58
N GLU A 349 -18.04 25.22 4.60
CA GLU A 349 -17.01 24.32 5.12
C GLU A 349 -16.63 23.29 4.07
N PHE A 350 -17.61 22.76 3.34
CA PHE A 350 -17.29 21.84 2.24
C PHE A 350 -16.43 22.55 1.19
N GLN A 351 -16.80 23.77 0.80
CA GLN A 351 -16.00 24.50 -0.18
C GLN A 351 -14.58 24.71 0.32
N GLU A 352 -14.42 25.10 1.59
CA GLU A 352 -13.08 25.28 2.13
C GLU A 352 -12.29 23.99 2.10
N GLY A 353 -12.95 22.85 2.33
CA GLY A 353 -12.25 21.58 2.31
C GLY A 353 -11.73 21.19 0.94
N LEU A 354 -12.42 21.62 -0.12
CA LEU A 354 -11.90 21.41 -1.47
C LEU A 354 -10.60 22.17 -1.66
N LYS A 355 -10.53 23.41 -1.14
CA LYS A 355 -9.30 24.18 -1.21
C LYS A 355 -8.15 23.45 -0.52
N ILE A 356 -8.45 22.67 0.52
CA ILE A 356 -7.46 21.91 1.28
C ILE A 356 -7.02 20.67 0.51
N PHE A 357 -7.95 20.02 -0.19
CA PHE A 357 -7.65 18.80 -0.90
C PHE A 357 -7.30 19.03 -2.37
N PHE A 358 -7.65 20.18 -2.94
CA PHE A 358 -7.31 20.50 -4.33
C PHE A 358 -6.68 21.88 -4.40
N PRO A 359 -5.58 22.10 -3.68
CA PRO A 359 -5.03 23.46 -3.55
C PRO A 359 -4.64 24.08 -4.89
N GLY A 360 -3.94 23.33 -5.75
CA GLY A 360 -3.49 23.90 -7.00
C GLY A 360 -4.52 23.85 -8.12
N VAL A 361 -5.79 23.63 -7.78
CA VAL A 361 -6.85 23.49 -8.77
C VAL A 361 -7.56 24.83 -8.92
N SER A 362 -7.95 25.15 -10.16
CA SER A 362 -8.68 26.37 -10.47
C SER A 362 -10.03 26.41 -9.75
N GLU A 363 -10.57 27.62 -9.61
CA GLU A 363 -11.90 27.75 -9.02
C GLU A 363 -12.93 26.95 -9.80
N PHE A 364 -12.87 27.04 -11.13
CA PHE A 364 -13.80 26.26 -11.96
C PHE A 364 -13.68 24.77 -11.68
N GLY A 365 -12.46 24.28 -11.52
CA GLY A 365 -12.29 22.88 -11.14
C GLY A 365 -12.95 22.58 -9.81
N LYS A 366 -12.73 23.42 -8.81
CA LYS A 366 -13.35 23.18 -7.52
C LYS A 366 -14.86 23.30 -7.60
N GLU A 367 -15.39 24.29 -8.34
CA GLU A 367 -16.85 24.34 -8.48
C GLU A 367 -17.35 23.08 -9.18
N SER A 368 -16.60 22.56 -10.14
CA SER A 368 -17.08 21.38 -10.85
C SER A 368 -17.14 20.17 -9.92
N ILE A 369 -16.22 20.06 -8.97
CA ILE A 369 -16.36 19.02 -7.95
C ILE A 369 -17.61 19.27 -7.11
N LEU A 370 -17.81 20.52 -6.70
CA LEU A 370 -19.00 20.85 -5.91
C LEU A 370 -20.27 20.51 -6.66
N PHE A 371 -20.29 20.75 -7.97
CA PHE A 371 -21.52 20.56 -8.72
C PHE A 371 -21.84 19.08 -8.88
N HIS A 372 -20.84 18.26 -9.16
CA HIS A 372 -21.06 16.83 -9.37
CA HIS A 372 -21.14 16.85 -9.38
C HIS A 372 -21.40 16.10 -8.08
N TYR A 373 -21.14 16.69 -6.92
CA TYR A 373 -21.35 15.98 -5.67
C TYR A 373 -22.40 16.61 -4.77
N THR A 374 -23.12 17.62 -5.23
CA THR A 374 -24.16 18.25 -4.41
C THR A 374 -25.49 18.30 -5.14
N ASP A 375 -25.72 17.38 -6.07
CA ASP A 375 -27.05 17.13 -6.62
C ASP A 375 -27.79 16.25 -5.61
N TRP A 376 -28.36 16.92 -4.61
CA TRP A 376 -28.83 16.25 -3.41
C TRP A 376 -30.11 15.46 -3.67
N VAL A 377 -30.12 14.21 -3.21
CA VAL A 377 -31.37 13.48 -3.07
C VAL A 377 -32.21 14.03 -1.93
N ASP A 378 -31.59 14.69 -0.95
CA ASP A 378 -32.31 15.41 0.11
C ASP A 378 -31.48 16.59 0.58
N ASP A 379 -32.01 17.80 0.35
CA ASP A 379 -31.33 19.01 0.83
C ASP A 379 -31.41 19.16 2.34
N GLN A 380 -32.45 18.58 2.96
CA GLN A 380 -32.62 18.71 4.40
C GLN A 380 -31.59 17.89 5.18
N ARG A 381 -31.02 16.83 4.57
CA ARG A 381 -30.08 15.90 5.17
C ARG A 381 -28.83 16.63 5.66
N PRO A 382 -28.62 16.73 6.99
CA PRO A 382 -27.58 17.64 7.52
C PRO A 382 -26.15 17.20 7.28
N GLU A 383 -25.89 15.91 7.01
CA GLU A 383 -24.53 15.47 6.76
C GLU A 383 -24.27 15.30 5.28
N ASN A 384 -25.11 15.91 4.45
CA ASN A 384 -24.91 15.91 3.00
C ASN A 384 -23.48 16.32 2.67
N TYR A 385 -23.04 17.45 3.22
CA TYR A 385 -21.72 17.96 2.90
C TYR A 385 -20.60 17.11 3.51
N ARG A 386 -20.78 16.65 4.75
CA ARG A 386 -19.77 15.80 5.39
C ARG A 386 -19.52 14.53 4.58
N GLU A 387 -20.60 13.85 4.17
CA GLU A 387 -20.44 12.63 3.39
C GLU A 387 -19.93 12.94 2.00
N ALA A 388 -20.38 14.05 1.42
CA ALA A 388 -19.94 14.42 0.08
C ALA A 388 -18.44 14.63 0.04
N LEU A 389 -17.88 15.35 1.03
CA LEU A 389 -16.44 15.62 1.00
C LEU A 389 -15.63 14.33 1.17
N GLY A 390 -16.10 13.41 2.04
CA GLY A 390 -15.45 12.12 2.15
C GLY A 390 -15.47 11.31 0.86
N ASP A 391 -16.64 11.24 0.21
CA ASP A 391 -16.74 10.54 -1.06
C ASP A 391 -15.86 11.19 -2.13
N VAL A 392 -15.79 12.53 -2.13
CA VAL A 392 -14.94 13.24 -3.09
C VAL A 392 -13.52 12.72 -3.00
N VAL A 393 -12.98 12.65 -1.77
CA VAL A 393 -11.58 12.25 -1.58
C VAL A 393 -11.39 10.79 -1.94
N GLY A 394 -12.33 9.93 -1.53
CA GLY A 394 -12.19 8.51 -1.82
C GLY A 394 -12.30 8.23 -3.30
N ASP A 395 -13.31 8.80 -3.95
CA ASP A 395 -13.55 8.52 -5.37
C ASP A 395 -12.39 9.01 -6.21
N TYR A 396 -11.85 10.17 -5.89
CA TYR A 396 -10.76 10.71 -6.68
C TYR A 396 -9.45 9.99 -6.39
N ASN A 397 -9.18 9.66 -5.13
CA ASN A 397 -7.87 9.16 -4.77
C ASN A 397 -7.74 7.65 -4.83
N PHE A 398 -8.84 6.91 -4.79
CA PHE A 398 -8.71 5.46 -4.67
C PHE A 398 -9.66 4.71 -5.58
N ILE A 399 -10.98 4.88 -5.39
CA ILE A 399 -11.95 4.01 -6.03
C ILE A 399 -11.91 4.17 -7.55
N CYS A 400 -11.95 5.41 -8.05
CA CYS A 400 -11.96 5.57 -9.51
C CYS A 400 -10.64 5.18 -10.18
N PRO A 401 -9.46 5.50 -9.63
CA PRO A 401 -8.25 5.00 -10.30
C PRO A 401 -8.11 3.48 -10.19
N ALA A 402 -8.52 2.87 -9.08
CA ALA A 402 -8.49 1.41 -8.96
C ALA A 402 -9.46 0.76 -9.93
N LEU A 403 -10.67 1.29 -10.05
CA LEU A 403 -11.58 0.81 -11.10
C LEU A 403 -10.98 1.02 -12.49
N GLU A 404 -10.45 2.21 -12.77
CA GLU A 404 -9.91 2.45 -14.11
CA GLU A 404 -9.86 2.48 -14.09
C GLU A 404 -8.74 1.51 -14.40
N PHE A 405 -7.91 1.23 -13.39
CA PHE A 405 -6.82 0.29 -13.56
C PHE A 405 -7.36 -1.07 -13.98
N THR A 406 -8.44 -1.50 -13.34
CA THR A 406 -8.95 -2.84 -13.58
C THR A 406 -9.56 -2.97 -14.98
N LYS A 407 -10.32 -1.98 -15.45
CA LYS A 407 -10.75 -2.00 -16.85
C LYS A 407 -9.53 -2.10 -17.76
N LYS A 408 -8.62 -1.14 -17.64
CA LYS A 408 -7.48 -1.06 -18.55
C LYS A 408 -6.70 -2.38 -18.56
N PHE A 409 -6.45 -2.96 -17.39
CA PHE A 409 -5.64 -4.17 -17.33
C PHE A 409 -6.39 -5.36 -17.91
N SER A 410 -7.68 -5.47 -17.62
CA SER A 410 -8.43 -6.61 -18.12
C SER A 410 -8.66 -6.53 -19.63
N GLU A 411 -8.54 -5.34 -20.21
CA GLU A 411 -8.76 -5.20 -21.65
C GLU A 411 -7.76 -5.99 -22.47
N TRP A 412 -6.66 -6.43 -21.85
CA TRP A 412 -5.66 -7.21 -22.55
C TRP A 412 -5.79 -8.69 -22.26
N GLY A 413 -6.98 -9.13 -21.84
CA GLY A 413 -7.28 -10.54 -21.80
C GLY A 413 -6.97 -11.25 -20.50
N ASN A 414 -6.68 -10.54 -19.43
CA ASN A 414 -6.41 -11.23 -18.19
C ASN A 414 -7.60 -11.17 -17.25
N ASN A 415 -7.76 -12.25 -16.50
CA ASN A 415 -8.77 -12.29 -15.45
C ASN A 415 -8.48 -11.27 -14.36
N ALA A 416 -9.50 -10.49 -14.04
CA ALA A 416 -9.45 -9.53 -12.95
C ALA A 416 -10.63 -9.79 -12.04
N PHE A 417 -10.41 -9.60 -10.75
CA PHE A 417 -11.49 -9.73 -9.77
C PHE A 417 -11.53 -8.46 -8.93
N PHE A 418 -12.71 -7.86 -8.83
CA PHE A 418 -12.89 -6.61 -8.11
C PHE A 418 -13.83 -6.80 -6.92
N TYR A 419 -13.36 -6.40 -5.74
CA TYR A 419 -14.17 -6.45 -4.52
C TYR A 419 -14.45 -5.06 -4.00
N TYR A 420 -15.45 -4.98 -3.13
CA TYR A 420 -15.89 -3.73 -2.53
C TYR A 420 -16.13 -4.03 -1.05
N PHE A 421 -15.13 -3.77 -0.22
CA PHE A 421 -15.18 -4.01 1.21
C PHE A 421 -16.08 -2.98 1.91
N GLU A 422 -17.17 -3.43 2.51
CA GLU A 422 -18.09 -2.49 3.14
C GLU A 422 -18.45 -2.92 4.55
N HIS A 423 -17.55 -3.62 5.23
CA HIS A 423 -17.78 -3.94 6.63
C HIS A 423 -16.96 -3.01 7.50
N ARG A 424 -17.61 -2.38 8.48
CA ARG A 424 -16.93 -1.58 9.48
C ARG A 424 -16.58 -2.45 10.67
N SER A 425 -15.27 -2.63 10.91
CA SER A 425 -14.78 -3.41 12.04
C SER A 425 -15.53 -3.11 13.34
N SER A 426 -15.92 -4.16 14.07
CA SER A 426 -16.57 -3.94 15.35
C SER A 426 -15.62 -3.35 16.40
N LYS A 427 -14.31 -3.52 16.22
CA LYS A 427 -13.34 -2.93 17.14
C LYS A 427 -12.76 -1.61 16.63
N LEU A 428 -13.33 -1.02 15.58
CA LEU A 428 -12.73 0.16 14.94
C LEU A 428 -12.76 1.37 15.86
N PRO A 429 -11.62 1.97 16.22
CA PRO A 429 -11.62 3.08 17.20
C PRO A 429 -12.03 4.45 16.68
N TRP A 430 -12.05 4.68 15.36
CA TRP A 430 -12.52 5.95 14.82
C TRP A 430 -14.04 6.02 14.93
N PRO A 431 -14.63 7.22 14.87
CA PRO A 431 -16.08 7.33 15.08
C PRO A 431 -16.87 6.67 13.97
N GLU A 432 -18.18 6.60 14.19
CA GLU A 432 -19.06 5.85 13.31
C GLU A 432 -19.17 6.51 11.93
N TRP A 433 -19.31 7.85 11.88
CA TRP A 433 -19.52 8.52 10.60
C TRP A 433 -18.36 8.31 9.64
N MET A 434 -17.17 7.96 10.14
CA MET A 434 -16.07 7.69 9.23
C MET A 434 -16.20 6.36 8.51
N GLY A 435 -17.10 5.48 8.95
CA GLY A 435 -17.49 4.31 8.17
C GLY A 435 -16.37 3.29 7.96
N VAL A 436 -16.29 2.79 6.72
CA VAL A 436 -15.46 1.61 6.39
C VAL A 436 -14.13 2.17 5.90
N MET A 437 -13.28 2.54 6.84
CA MET A 437 -12.20 3.44 6.48
C MET A 437 -11.08 2.77 5.67
N HIS A 438 -10.31 3.63 5.04
CA HIS A 438 -9.00 3.31 4.49
C HIS A 438 -8.17 2.48 5.46
N GLY A 439 -7.75 1.30 5.00
CA GLY A 439 -6.80 0.45 5.71
C GLY A 439 -7.44 -0.58 6.63
N TYR A 440 -8.76 -0.56 6.80
CA TYR A 440 -9.37 -1.38 7.82
C TYR A 440 -10.03 -2.61 7.24
N GLU A 441 -9.60 -3.01 6.04
CA GLU A 441 -9.80 -4.36 5.55
C GLU A 441 -8.58 -5.24 5.81
N ILE A 442 -7.44 -4.63 6.14
CA ILE A 442 -6.20 -5.38 6.23
C ILE A 442 -6.25 -6.44 7.33
N GLU A 443 -6.75 -6.06 8.53
CA GLU A 443 -6.87 -7.06 9.60
C GLU A 443 -7.70 -8.26 9.14
N PHE A 444 -8.68 -8.02 8.27
CA PHE A 444 -9.50 -9.13 7.82
C PHE A 444 -8.74 -9.99 6.83
N VAL A 445 -7.92 -9.36 5.99
CA VAL A 445 -7.13 -10.12 5.02
C VAL A 445 -6.11 -11.00 5.74
N PHE A 446 -5.62 -10.54 6.90
CA PHE A 446 -4.59 -11.22 7.66
C PHE A 446 -5.16 -12.17 8.71
N GLY A 447 -6.49 -12.23 8.83
CA GLY A 447 -7.11 -13.24 9.65
C GLY A 447 -7.03 -12.97 11.13
N LEU A 448 -6.99 -11.69 11.51
CA LEU A 448 -6.97 -11.28 12.91
C LEU A 448 -8.29 -11.61 13.62
N PRO A 449 -9.46 -11.44 12.97
CA PRO A 449 -10.70 -11.93 13.60
C PRO A 449 -10.75 -13.42 13.77
N LEU A 450 -9.79 -14.15 13.22
CA LEU A 450 -9.80 -15.60 13.43
C LEU A 450 -9.37 -15.95 14.84
N GLU A 451 -8.66 -15.06 15.53
CA GLU A 451 -8.34 -15.30 16.93
C GLU A 451 -9.56 -14.93 17.77
N ARG A 452 -10.27 -15.97 18.24
CA ARG A 452 -11.40 -15.79 19.14
C ARG A 452 -11.01 -14.97 20.37
N ARG A 453 -9.78 -15.10 20.85
CA ARG A 453 -9.32 -14.38 22.04
C ARG A 453 -9.44 -12.86 21.92
N ASP A 454 -9.81 -12.33 20.75
CA ASP A 454 -10.05 -10.90 20.63
C ASP A 454 -11.55 -10.61 20.77
N GLN A 455 -11.95 -9.37 20.48
CA GLN A 455 -13.31 -8.94 20.70
C GLN A 455 -14.09 -8.84 19.39
N TYR A 456 -13.60 -9.46 18.32
CA TYR A 456 -14.36 -9.52 17.09
C TYR A 456 -15.60 -10.40 17.25
N THR A 457 -16.65 -10.07 16.50
CA THR A 457 -17.85 -10.87 16.52
C THR A 457 -17.67 -12.17 15.74
N LYS A 458 -18.58 -13.12 15.98
CA LYS A 458 -18.57 -14.34 15.18
C LYS A 458 -18.71 -14.03 13.70
N ALA A 459 -19.57 -13.06 13.37
CA ALA A 459 -19.76 -12.73 11.97
C ALA A 459 -18.46 -12.22 11.35
N GLU A 460 -17.62 -11.55 12.13
CA GLU A 460 -16.37 -11.07 11.57
C GLU A 460 -15.39 -12.23 11.38
N GLU A 461 -15.41 -13.20 12.30
CA GLU A 461 -14.58 -14.39 12.13
C GLU A 461 -14.92 -15.10 10.81
N ILE A 462 -16.22 -15.31 10.55
CA ILE A 462 -16.63 -15.94 9.30
C ILE A 462 -16.19 -15.13 8.09
N LEU A 463 -16.32 -13.79 8.15
CA LEU A 463 -15.94 -12.96 7.01
C LEU A 463 -14.43 -13.02 6.79
N SER A 464 -13.63 -12.90 7.85
CA SER A 464 -12.19 -13.03 7.67
C SER A 464 -11.85 -14.41 7.13
N ARG A 465 -12.52 -15.43 7.67
CA ARG A 465 -12.24 -16.78 7.25
C ARG A 465 -12.48 -16.95 5.76
N SER A 466 -13.53 -16.31 5.23
N SER A 466 -13.53 -16.32 5.23
CA SER A 466 -13.83 -16.45 3.81
CA SER A 466 -13.81 -16.45 3.80
C SER A 466 -12.84 -15.64 2.98
C SER A 466 -12.84 -15.64 2.97
N ILE A 467 -12.55 -14.41 3.41
CA ILE A 467 -11.58 -13.56 2.74
C ILE A 467 -10.22 -14.25 2.69
N VAL A 468 -9.81 -14.82 3.81
CA VAL A 468 -8.52 -15.49 3.83
C VAL A 468 -8.49 -16.63 2.83
N LYS A 469 -9.58 -17.40 2.77
CA LYS A 469 -9.69 -18.46 1.77
C LYS A 469 -9.65 -17.89 0.35
N ARG A 470 -10.46 -16.85 0.09
CA ARG A 470 -10.46 -16.28 -1.26
C ARG A 470 -9.09 -15.74 -1.64
N TRP A 471 -8.44 -15.03 -0.72
CA TRP A 471 -7.09 -14.53 -1.03
C TRP A 471 -6.12 -15.67 -1.30
N ALA A 472 -6.21 -16.75 -0.52
CA ALA A 472 -5.19 -17.77 -0.61
C ALA A 472 -5.43 -18.62 -1.84
N ASN A 473 -6.71 -18.83 -2.16
CA ASN A 473 -7.04 -19.52 -3.41
C ASN A 473 -6.62 -18.70 -4.62
N PHE A 474 -6.76 -17.36 -4.52
CA PHE A 474 -6.25 -16.54 -5.62
C PHE A 474 -4.74 -16.71 -5.77
N ALA A 475 -4.02 -16.66 -4.66
CA ALA A 475 -2.57 -16.86 -4.72
C ALA A 475 -2.24 -18.22 -5.32
N LYS A 476 -2.90 -19.28 -4.82
CA LYS A 476 -2.57 -20.65 -5.23
C LYS A 476 -3.04 -20.94 -6.65
N TYR A 477 -4.21 -20.43 -7.05
CA TYR A 477 -4.83 -20.92 -8.29
C TYR A 477 -5.36 -19.83 -9.21
N GLY A 478 -5.00 -18.56 -9.00
CA GLY A 478 -5.54 -17.48 -9.80
C GLY A 478 -7.03 -17.31 -9.74
N ASN A 479 -7.71 -17.92 -8.76
CA ASN A 479 -9.15 -17.82 -8.74
C ASN A 479 -9.65 -17.67 -7.31
N PRO A 480 -10.28 -16.50 -6.95
CA PRO A 480 -10.56 -16.17 -5.55
C PRO A 480 -11.96 -16.60 -5.10
N GLN A 481 -12.32 -17.83 -5.42
CA GLN A 481 -13.56 -18.42 -4.96
C GLN A 481 -13.39 -19.05 -3.58
N GLU A 482 -14.51 -19.27 -2.92
CA GLU A 482 -14.64 -20.17 -1.77
C GLU A 482 -15.63 -21.21 -2.24
N THR A 483 -15.17 -22.43 -2.43
CA THR A 483 -15.92 -23.41 -3.22
C THR A 483 -16.74 -24.37 -2.36
N GLN A 484 -16.65 -24.27 -1.04
CA GLN A 484 -17.21 -25.28 -0.14
C GLN A 484 -18.45 -24.81 0.59
N ASN A 485 -18.33 -23.72 1.31
CA ASN A 485 -19.42 -23.26 2.15
C ASN A 485 -20.46 -22.50 1.35
N GLN A 486 -20.83 -23.05 0.19
CA GLN A 486 -21.89 -22.54 -0.67
C GLN A 486 -21.80 -21.02 -0.85
N SER A 487 -20.64 -20.57 -1.28
CA SER A 487 -20.38 -19.14 -1.34
C SER A 487 -20.80 -18.57 -2.68
N THR A 488 -21.04 -17.25 -2.67
CA THR A 488 -21.25 -16.51 -3.91
C THR A 488 -20.02 -16.58 -4.79
N SER A 489 -20.22 -16.94 -6.05
CA SER A 489 -19.10 -17.04 -6.98
C SER A 489 -18.62 -15.65 -7.31
N TRP A 490 -17.30 -15.44 -7.24
CA TRP A 490 -16.70 -14.16 -7.59
C TRP A 490 -16.45 -14.10 -9.10
N PRO A 491 -17.26 -13.37 -9.86
CA PRO A 491 -17.10 -13.36 -11.32
C PRO A 491 -15.90 -12.51 -11.76
N VAL A 492 -15.42 -12.78 -12.97
CA VAL A 492 -14.31 -11.98 -13.49
C VAL A 492 -14.80 -10.59 -13.82
N PHE A 493 -13.99 -9.57 -13.53
CA PHE A 493 -14.29 -8.20 -13.94
C PHE A 493 -13.99 -8.04 -15.44
N LYS A 494 -15.01 -7.81 -16.24
CA LYS A 494 -14.86 -7.50 -17.66
C LYS A 494 -15.14 -6.02 -17.86
N SER A 495 -14.60 -5.47 -18.95
CA SER A 495 -14.75 -4.04 -19.21
C SER A 495 -16.19 -3.70 -19.58
N THR A 496 -16.92 -4.67 -20.13
CA THR A 496 -18.32 -4.46 -20.44
C THR A 496 -19.15 -4.44 -19.17
N GLU A 497 -19.28 -5.59 -18.52
CA GLU A 497 -20.23 -5.74 -17.42
C GLU A 497 -19.74 -5.05 -16.15
N GLN A 498 -18.42 -5.11 -15.92
CA GLN A 498 -17.80 -4.49 -14.74
C GLN A 498 -18.40 -5.02 -13.44
N LYS A 499 -18.51 -6.34 -13.34
CA LYS A 499 -19.07 -6.98 -12.15
C LYS A 499 -18.06 -6.98 -11.01
N TYR A 500 -18.56 -6.80 -9.79
CA TYR A 500 -17.71 -6.79 -8.59
C TYR A 500 -18.44 -7.48 -7.45
N LEU A 501 -17.65 -7.94 -6.49
CA LEU A 501 -18.17 -8.68 -5.33
C LEU A 501 -18.17 -7.77 -4.09
N THR A 502 -19.29 -7.71 -3.38
CA THR A 502 -19.32 -7.01 -2.10
C THR A 502 -18.88 -7.94 -0.99
N LEU A 503 -18.10 -7.40 -0.06
CA LEU A 503 -17.60 -8.13 1.10
C LEU A 503 -18.20 -7.48 2.33
N ASN A 504 -18.91 -8.27 3.12
CA ASN A 504 -19.58 -7.78 4.32
C ASN A 504 -20.09 -9.00 5.09
N THR A 505 -20.42 -8.79 6.36
CA THR A 505 -20.90 -9.88 7.20
C THR A 505 -22.34 -10.29 6.87
N GLU A 506 -23.10 -9.39 6.25
CA GLU A 506 -24.48 -9.67 5.93
C GLU A 506 -24.55 -10.60 4.72
N SER A 507 -24.77 -10.06 3.53
CA SER A 507 -24.92 -10.83 2.31
C SER A 507 -23.89 -10.37 1.31
N THR A 508 -23.22 -11.32 0.67
CA THR A 508 -22.22 -10.99 -0.34
C THR A 508 -22.90 -10.99 -1.70
N ARG A 509 -22.86 -9.84 -2.39
CA ARG A 509 -23.63 -9.68 -3.61
C ARG A 509 -22.72 -9.42 -4.78
N ILE A 510 -23.21 -9.79 -5.95
CA ILE A 510 -22.58 -9.40 -7.20
C ILE A 510 -23.32 -8.18 -7.70
N MET A 511 -22.56 -7.12 -7.94
CA MET A 511 -23.04 -5.81 -8.34
C MET A 511 -22.29 -5.39 -9.59
N THR A 512 -22.77 -4.33 -10.24
CA THR A 512 -22.19 -3.91 -11.51
C THR A 512 -21.90 -2.43 -11.48
N LYS A 513 -20.69 -2.05 -11.93
CA LYS A 513 -20.40 -0.70 -12.36
C LYS A 513 -20.30 0.23 -11.17
N LEU A 514 -19.37 -0.06 -10.28
CA LEU A 514 -19.21 0.70 -9.05
C LEU A 514 -18.91 2.16 -9.30
N ARG A 515 -19.63 3.07 -8.62
CA ARG A 515 -19.37 4.52 -8.65
C ARG A 515 -19.33 5.07 -10.06
N ALA A 516 -20.15 4.48 -10.95
CA ALA A 516 -20.05 4.76 -12.37
C ALA A 516 -20.15 6.25 -12.69
N GLN A 517 -21.14 6.95 -12.10
CA GLN A 517 -21.33 8.36 -12.42
C GLN A 517 -20.21 9.23 -11.83
N GLN A 518 -19.90 9.02 -10.55
CA GLN A 518 -18.74 9.62 -9.93
C GLN A 518 -17.48 9.44 -10.77
N CYS A 519 -17.20 8.21 -11.20
CA CYS A 519 -15.90 7.97 -11.81
C CYS A 519 -15.82 8.52 -13.21
N ARG A 520 -16.95 8.66 -13.91
CA ARG A 520 -16.89 9.30 -15.23
C ARG A 520 -16.42 10.74 -15.09
N PHE A 521 -16.90 11.43 -14.05
CA PHE A 521 -16.40 12.77 -13.75
C PHE A 521 -14.90 12.75 -13.46
N TRP A 522 -14.45 11.85 -12.59
CA TRP A 522 -13.06 11.92 -12.17
C TRP A 522 -12.09 11.45 -13.24
N THR A 523 -12.53 10.55 -14.12
CA THR A 523 -11.62 9.89 -15.04
C THR A 523 -11.70 10.47 -16.45
N SER A 524 -12.78 11.18 -16.78
CA SER A 524 -12.91 11.80 -18.10
C SER A 524 -12.90 13.32 -18.03
N PHE A 525 -13.78 13.93 -17.24
CA PHE A 525 -13.80 15.38 -17.19
C PHE A 525 -12.63 15.95 -16.40
N PHE A 526 -12.53 15.58 -15.11
CA PHE A 526 -11.63 16.29 -14.20
C PHE A 526 -10.17 16.31 -14.61
N PRO A 527 -9.60 15.26 -15.21
CA PRO A 527 -8.19 15.35 -15.66
C PRO A 527 -7.93 16.49 -16.64
N LYS A 528 -8.96 17.01 -17.32
CA LYS A 528 -8.75 18.10 -18.25
C LYS A 528 -8.60 19.44 -17.56
N VAL A 529 -9.07 19.58 -16.31
CA VAL A 529 -9.04 20.88 -15.64
C VAL A 529 -7.61 21.19 -15.20
C1 NAG B . 9.25 25.00 -6.92
C2 NAG B . 7.76 25.40 -6.92
C3 NAG B . 7.61 26.90 -6.70
C4 NAG B . 8.33 27.35 -5.44
C5 NAG B . 9.79 26.91 -5.51
C6 NAG B . 10.58 27.24 -4.27
C7 NAG B . 6.02 24.22 -8.21
C8 NAG B . 5.50 23.90 -9.58
N2 NAG B . 7.11 24.98 -8.16
O3 NAG B . 6.22 27.26 -6.62
O4 NAG B . 8.29 28.78 -5.34
O5 NAG B . 9.87 25.49 -5.70
O6 NAG B . 10.11 26.52 -3.14
O7 NAG B . 5.47 23.81 -7.19
C1 NAG B . 7.54 29.37 -4.24
C2 NAG B . 8.06 30.81 -4.00
C3 NAG B . 7.19 31.54 -2.96
C4 NAG B . 5.73 31.49 -3.37
C5 NAG B . 5.30 30.04 -3.49
C6 NAG B . 3.88 29.87 -3.93
C7 NAG B . 10.47 30.85 -4.44
C8 NAG B . 11.85 30.83 -3.83
N2 NAG B . 9.45 30.80 -3.59
O3 NAG B . 7.62 32.88 -2.81
O4 NAG B . 4.90 32.18 -2.44
O5 NAG B . 6.11 29.39 -4.50
O6 NAG B . 3.72 28.73 -4.77
O7 NAG B . 10.31 30.90 -5.66
C1 FUC B . 10.01 27.37 -1.97
C2 FUC B . 8.73 26.95 -1.20
C3 FUC B . 8.90 25.57 -0.49
C4 FUC B . 10.18 25.52 0.35
C5 FUC B . 11.39 25.96 -0.51
C6 FUC B . 12.69 26.02 0.27
O2 FUC B . 7.60 26.93 -2.07
O3 FUC B . 7.80 25.30 0.39
O4 FUC B . 10.04 26.33 1.52
O5 FUC B . 11.16 27.27 -1.13
C1 NAG C . -16.32 19.41 15.75
C2 NAG C . -17.18 20.67 15.64
C3 NAG C . -16.45 21.79 14.89
C4 NAG C . -15.03 21.98 15.41
C5 NAG C . -14.31 20.64 15.49
C6 NAG C . -12.91 20.72 16.06
C7 NAG C . -19.53 19.91 15.59
C8 NAG C . -20.70 19.58 14.72
N2 NAG C . -18.42 20.33 14.96
O3 NAG C . -17.18 22.99 15.06
O4 NAG C . -14.29 22.82 14.54
O5 NAG C . -15.06 19.75 16.33
O6 NAG C . -12.83 21.68 17.11
O7 NAG C . -19.56 19.80 16.81
C1 NAG C . -14.12 24.14 15.09
C2 NAG C . -13.07 24.90 14.27
C3 NAG C . -12.94 26.35 14.77
C4 NAG C . -14.29 27.02 14.93
C5 NAG C . -15.29 26.13 15.68
C6 NAG C . -16.69 26.67 15.66
C7 NAG C . -11.42 23.29 13.45
C8 NAG C . -10.04 22.70 13.66
N2 NAG C . -11.79 24.23 14.32
O3 NAG C . -12.17 27.07 13.81
O4 NAG C . -14.15 28.23 15.66
O5 NAG C . -15.35 24.83 15.06
O6 NAG C . -17.39 26.23 14.50
O7 NAG C . -12.14 22.91 12.53
C1 FUC C . -12.01 21.19 18.20
C2 FUC C . -12.17 22.19 19.40
C3 FUC C . -13.41 21.91 20.32
C4 FUC C . -13.69 20.40 20.59
C5 FUC C . -13.60 19.63 19.25
C6 FUC C . -13.83 18.12 19.33
O2 FUC C . -12.17 23.53 18.92
O3 FUC C . -13.25 22.57 21.60
O4 FUC C . -12.79 19.84 21.57
O5 FUC C . -12.33 19.84 18.59
C1 NAG D . -16.97 -23.50 6.48
C2 NAG D . -15.75 -22.69 6.93
C3 NAG D . -15.08 -23.35 8.13
C4 NAG D . -16.07 -23.56 9.26
C5 NAG D . -17.22 -24.42 8.74
C6 NAG D . -18.31 -24.65 9.79
C7 NAG D . -14.54 -21.38 5.23
C8 NAG D . -13.50 -21.41 4.16
N2 NAG D . -14.80 -22.53 5.85
O3 NAG D . -14.00 -22.53 8.56
O4 NAG D . -15.44 -24.19 10.38
O5 NAG D . -17.85 -23.77 7.63
O6 NAG D . -19.60 -24.31 9.32
O7 NAG D . -15.13 -20.34 5.52
C1 FUC D . -20.43 -25.46 9.06
C2 FUC D . -21.52 -25.10 8.00
C3 FUC D . -21.91 -26.32 7.11
C4 FUC D . -20.68 -26.92 6.38
C5 FUC D . -19.39 -26.76 7.22
C6 FUC D . -18.42 -27.93 7.10
O2 FUC D . -21.17 -23.96 7.17
O3 FUC D . -22.52 -27.35 7.91
O4 FUC D . -20.88 -28.29 6.09
O5 FUC D . -19.66 -26.60 8.65
C1 NAG E . 21.84 -16.44 18.54
C2 NAG E . 22.82 -15.79 19.53
C3 NAG E . 23.57 -16.86 20.30
C4 NAG E . 22.59 -17.79 21.02
C5 NAG E . 21.66 -18.41 19.97
C6 NAG E . 20.58 -19.27 20.59
C7 NAG E . 23.46 -13.64 18.53
C8 NAG E . 24.55 -12.87 17.84
N2 NAG E . 23.75 -14.90 18.85
O3 NAG E . 24.44 -16.20 21.22
O4 NAG E . 23.24 -18.84 21.74
O5 NAG E . 20.98 -17.37 19.25
O6 NAG E . 19.93 -18.56 21.64
O7 NAG E . 22.37 -13.13 18.79
C1 NAG E . 23.67 -18.44 23.07
C2 NAG E . 23.44 -19.50 24.17
C3 NAG E . 24.07 -19.06 25.49
C4 NAG E . 25.53 -18.67 25.32
C5 NAG E . 25.66 -17.61 24.22
C6 NAG E . 27.09 -17.23 23.91
C7 NAG E . 21.56 -20.92 24.88
C8 NAG E . 20.08 -21.02 25.03
N2 NAG E . 22.02 -19.77 24.36
O3 NAG E . 23.98 -20.11 26.47
O4 NAG E . 26.02 -18.13 26.54
O5 NAG E . 25.09 -18.12 23.00
O6 NAG E . 27.17 -16.30 22.84
O7 NAG E . 22.30 -21.83 25.21
C1 BMA E . 27.10 -18.93 27.11
C2 BMA E . 27.60 -18.20 28.39
C3 BMA E . 28.78 -18.97 28.92
C4 BMA E . 28.36 -20.42 29.25
C5 BMA E . 27.84 -21.09 27.93
C6 BMA E . 27.40 -22.55 28.10
O2 BMA E . 26.63 -18.24 29.41
O3 BMA E . 29.45 -18.31 30.04
O4 BMA E . 29.45 -21.16 29.81
O5 BMA E . 26.73 -20.29 27.43
O6 BMA E . 28.56 -23.38 28.12
C1 MAN E . 30.59 -17.53 29.56
C2 MAN E . 31.23 -18.23 28.27
C3 MAN E . 32.22 -19.37 28.67
C4 MAN E . 33.20 -18.89 29.77
C5 MAN E . 32.41 -18.40 30.99
C6 MAN E . 33.32 -17.93 32.13
O2 MAN E . 31.93 -17.30 27.41
O3 MAN E . 32.88 -19.93 27.52
O4 MAN E . 34.05 -19.97 30.18
O5 MAN E . 31.57 -17.29 30.60
O6 MAN E . 34.69 -18.04 31.72
C1 FUC E . 18.93 -19.40 22.23
C2 FUC E . 18.19 -18.50 23.25
C3 FUC E . 16.74 -18.99 23.48
C4 FUC E . 16.55 -20.49 23.15
C5 FUC E . 17.04 -20.83 21.72
C6 FUC E . 17.63 -22.22 21.60
O2 FUC E . 18.20 -17.13 22.88
O3 FUC E . 16.40 -18.77 24.86
O4 FUC E . 17.20 -21.34 24.10
O5 FUC E . 18.06 -19.92 21.26
C1 NAG F . 7.60 -27.18 -7.24
C2 NAG F . 8.43 -28.37 -7.76
C3 NAG F . 8.89 -28.12 -9.21
C4 NAG F . 7.70 -27.82 -10.10
C5 NAG F . 6.96 -26.59 -9.56
C6 NAG F . 5.71 -26.26 -10.35
C7 NAG F . 9.48 -29.19 -5.70
C8 NAG F . 10.78 -29.39 -4.96
N2 NAG F . 9.59 -28.62 -6.91
O3 NAG F . 9.57 -29.27 -9.71
O4 NAG F . 8.14 -27.57 -11.43
O5 NAG F . 6.53 -26.84 -8.21
O6 NAG F . 5.01 -25.16 -9.80
O7 NAG F . 8.41 -29.52 -5.22
C1 NAG G . 30.75 16.95 -9.90
C2 NAG G . 31.31 16.93 -11.32
C3 NAG G . 31.66 15.50 -11.72
C4 NAG G . 32.58 14.86 -10.69
C5 NAG G . 32.00 14.97 -9.29
C6 NAG G . 32.94 14.50 -8.20
C7 NAG G . 30.47 18.78 -12.72
C8 NAG G . 29.41 19.22 -13.67
N2 NAG G . 30.37 17.52 -12.25
O3 NAG G . 32.29 15.50 -13.00
O4 NAG G . 32.78 13.48 -11.01
O5 NAG G . 31.71 16.35 -9.00
O6 NAG G . 33.51 13.24 -8.51
O7 NAG G . 31.39 19.52 -12.39
C1 GOL H . 5.62 -12.51 17.34
O1 GOL H . 5.96 -11.17 17.06
C2 GOL H . 4.54 -13.02 16.30
O2 GOL H . 3.22 -12.88 16.75
C3 GOL H . 4.80 -12.26 14.97
O3 GOL H . 4.28 -13.10 13.97
O1 MES I . -22.74 3.81 -7.55
C2 MES I . -22.71 2.42 -7.24
C3 MES I . -21.90 2.11 -5.98
N4 MES I . -22.43 2.94 -4.90
C5 MES I . -22.97 4.26 -5.20
C6 MES I . -22.28 4.66 -6.50
C7 MES I . -22.43 2.40 -3.54
C8 MES I . -22.61 3.55 -2.53
S MES I . -21.99 3.17 -1.02
O1S MES I . -20.63 3.75 -0.88
O2S MES I . -21.90 1.71 -0.82
O3S MES I . -22.83 3.77 0.05
C1 GOL J . -23.19 29.82 -3.92
O1 GOL J . -23.78 31.07 -4.14
C2 GOL J . -22.25 30.00 -2.72
O2 GOL J . -21.79 28.77 -2.25
C3 GOL J . -21.09 30.90 -3.24
O3 GOL J . -20.38 30.09 -4.16
C1 GOL K . -9.56 -2.01 15.28
O1 GOL K . -10.23 -2.87 14.37
C2 GOL K . -8.01 -2.18 15.12
O2 GOL K . -7.69 -2.60 13.83
C3 GOL K . -7.57 -3.20 16.27
O3 GOL K . -6.21 -3.54 16.04
C1 SIA L . -19.46 5.49 22.20
C2 SIA L . -18.89 6.82 21.57
C3 SIA L . -18.66 7.96 22.57
C4 SIA L . -17.29 7.94 23.26
C5 SIA L . -16.23 8.06 22.17
C6 SIA L . -16.29 6.72 21.36
C7 SIA L . -15.38 6.62 20.08
C8 SIA L . -15.53 7.80 19.09
C9 SIA L . -14.37 7.80 18.09
C10 SIA L . -13.94 9.14 22.22
C11 SIA L . -12.74 9.42 23.14
N5 SIA L . -14.96 8.44 22.80
O1A SIA L . -19.54 5.42 23.45
O1B SIA L . -19.78 4.63 21.32
O2 SIA L . -19.82 7.20 20.61
O4 SIA L . -17.06 9.00 24.19
O6 SIA L . -17.63 6.49 20.85
O7 SIA L . -14.00 6.37 20.39
O8 SIA L . -16.82 7.75 18.44
O9 SIA L . -13.16 8.32 18.63
O10 SIA L . -13.93 9.53 21.05
C10 A1IYQ M . -5.18 6.89 9.96
C13 A1IYQ M . -5.82 4.99 7.97
C15 A1IYQ M . -2.71 8.43 8.47
C20 A1IYQ M . 0.58 10.21 2.65
C21 A1IYQ M . -0.04 10.22 1.41
C22 A1IYQ M . -1.06 9.29 1.05
C24 A1IYQ M . -2.72 8.34 -0.50
C26 A1IYQ M . -2.44 7.36 1.71
C28 A1IYQ M . -0.72 8.35 3.30
C01 A1IYQ M . 0.43 11.59 6.59
C03 A1IYQ M . -1.37 9.85 6.61
C04 A1IYQ M . -1.68 9.53 8.14
C05 A1IYQ M . -0.39 8.96 8.73
C06 A1IYQ M . -0.84 7.98 9.83
C08 A1IYQ M . -2.67 6.39 9.54
C09 A1IYQ M . -4.16 6.19 9.28
C11 A1IYQ M . -6.52 6.64 9.64
C12 A1IYQ M . -6.83 5.68 8.66
C14 A1IYQ M . -4.48 5.25 8.29
C19 A1IYQ M . 0.28 9.23 3.66
C23 A1IYQ M . -1.74 9.27 -0.21
C25 A1IYQ M . -3.08 7.38 0.48
C27 A1IYQ M . -1.41 8.33 2.03
N02 A1IYQ M . 0.06 10.18 6.30
N07 A1IYQ M . -2.32 7.81 9.76
O17 A1IYQ M . 2.36 9.84 5.29
O18 A1IYQ M . 1.10 7.89 5.90
S16 A1IYQ M . 1.06 9.20 5.33
C1 PPI N . -2.15 3.83 5.68
C2 PPI N . -1.75 5.29 6.05
C3 PPI N . -2.63 6.42 5.57
O1 PPI N . -2.09 3.01 6.61
O2 PPI N . -2.49 3.59 4.49
S SO4 O . -6.18 -15.40 -17.52
O1 SO4 O . -6.99 -16.41 -16.82
O2 SO4 O . -4.89 -16.04 -17.83
O3 SO4 O . -6.84 -14.99 -18.77
O4 SO4 O . -5.93 -14.24 -16.65
S SO4 P . -21.69 -16.09 1.04
O1 SO4 P . -22.06 -17.50 1.16
O2 SO4 P . -21.26 -15.57 2.36
O3 SO4 P . -20.59 -15.96 0.08
O4 SO4 P . -22.84 -15.32 0.56
S SO4 Q . 1.60 14.99 -4.56
O1 SO4 Q . 0.67 14.07 -3.86
O2 SO4 Q . 2.58 14.18 -5.32
O3 SO4 Q . 0.89 15.83 -5.54
O4 SO4 Q . 2.19 15.90 -3.57
S SO4 R . 2.18 -3.91 18.76
O1 SO4 R . 2.68 -4.09 20.13
O2 SO4 R . 2.81 -4.89 17.86
O3 SO4 R . 0.72 -4.12 18.75
O4 SO4 R . 2.48 -2.55 18.35
CL CL S . -27.41 23.61 0.44
CL CL T . -19.67 14.26 -16.17
#